data_7YI6
#
_entry.id   7YI6
#
_cell.length_a   73.906
_cell.length_b   72.703
_cell.length_c   86.264
_cell.angle_alpha   90.000
_cell.angle_beta   109.540
_cell.angle_gamma   90.000
#
_symmetry.space_group_name_H-M   'P 1 21 1'
#
loop_
_entity.id
_entity.type
_entity.pdbx_description
1 polymer 'Spike glycoprotein'
2 polymer 'light chain of 3D1'
3 polymer 'heavy chain of 3D1'
4 non-polymer 1,2-ETHANEDIOL
5 non-polymer 'CHLORIDE ION'
6 non-polymer DI(HYDROXYETHYL)ETHER
7 water water
#
loop_
_entity_poly.entity_id
_entity_poly.type
_entity_poly.pdbx_seq_one_letter_code
_entity_poly.pdbx_strand_id
1 'polypeptide(L)' DVVNQQG A,C
2 'polypeptide(L)'
;ALTQPPSASGSPGQSVTISCTGTSSDVGGYNYVSWYQQHPGKAPKLIIYEVSKRPSGVPDRFSGSKSGNTASLTVSGLQA
EDEADYYCSSYTSSSTLVFGGGTKLTVLGQPKAAPSVTLFPPSSEELQANKATLVCLISDFYPGAVTVAWKADSSPVKAG
VETTTPSKQSNNKYAASSYLSLTPEQWKSHRSYSCQVTHEGSTVEKTVAPTECS
;
B,E
3 'polypeptide(L)'
;(PCA)VQLVQSGSELKKPGASVRISCKASGYSFTSLSMNWVRQAPGQGLEWMGWISTKSGDPTYAQAFTGRFVFSLDTSV
NTAYLQINSLEAGDTAVYYCARGQPPVGWTFDYWGQGTLVTVSSASTKGPSVFPLAPSSKSTSGGTAALGCLVKDYFPEP
VTVSWNSGALTSGVHTFPAVLQSSGLYSLSSVVTVPSSSLGTQTYICNVNHKPSNTKVDKKVEPP
;
D,F
#
loop_
_chem_comp.id
_chem_comp.type
_chem_comp.name
_chem_comp.formula
CL non-polymer 'CHLORIDE ION' 'Cl -1'
EDO non-polymer 1,2-ETHANEDIOL 'C2 H6 O2'
PEG non-polymer DI(HYDROXYETHYL)ETHER 'C4 H10 O3'
#
# COMPACT_ATOMS: atom_id res chain seq x y z
N ASP A 1 17.89 49.72 -7.73
CA ASP A 1 16.46 49.42 -7.63
C ASP A 1 16.17 48.12 -6.86
N VAL A 2 17.14 47.21 -6.82
CA VAL A 2 16.91 45.91 -6.19
C VAL A 2 16.97 46.07 -4.68
N VAL A 3 15.88 45.67 -4.01
CA VAL A 3 15.73 45.85 -2.57
C VAL A 3 16.73 44.98 -1.82
N ASN A 4 17.37 45.57 -0.80
CA ASN A 4 18.25 44.82 0.10
C ASN A 4 17.42 44.10 1.16
N GLN A 5 17.52 42.76 1.17
CA GLN A 5 16.71 41.94 2.08
C GLN A 5 16.89 42.34 3.55
N GLN A 6 17.99 42.56 4.16
CA GLN A 6 18.27 43.20 5.45
C GLN A 6 17.58 44.56 5.58
N GLY A 7 17.43 45.10 4.83
N ALA B 1 6.99 29.44 -11.78
CA ALA B 1 6.75 30.64 -12.60
C ALA B 1 7.84 30.82 -13.66
N LEU B 2 9.05 30.37 -13.38
CA LEU B 2 10.09 30.33 -14.40
C LEU B 2 10.01 28.98 -15.12
N THR B 3 10.13 29.01 -16.45
CA THR B 3 9.90 27.85 -17.29
C THR B 3 11.25 27.23 -17.71
N GLN B 4 11.52 26.02 -17.21
CA GLN B 4 12.65 25.22 -17.65
C GLN B 4 12.15 23.95 -18.31
N PRO B 5 12.84 23.47 -19.35
CA PRO B 5 12.50 22.15 -19.89
C PRO B 5 12.75 21.08 -18.84
N PRO B 6 11.94 20.02 -18.83
CA PRO B 6 12.05 19.03 -17.75
C PRO B 6 13.36 18.26 -17.72
N SER B 7 14.05 18.08 -18.85
CA SER B 7 15.25 17.24 -18.84
CA SER B 7 15.25 17.24 -18.84
C SER B 7 16.32 17.83 -19.74
N ALA B 8 17.52 17.25 -19.63
CA ALA B 8 18.65 17.57 -20.47
C ALA B 8 19.57 16.35 -20.45
N SER B 9 20.37 16.21 -21.51
CA SER B 9 21.22 15.03 -21.66
C SER B 9 22.42 15.40 -22.51
N GLY B 10 23.56 14.76 -22.20
CA GLY B 10 24.72 14.87 -23.07
C GLY B 10 25.65 13.72 -22.79
N SER B 11 26.64 13.50 -23.70
CA SER B 11 27.64 12.46 -23.50
C SER B 11 28.85 13.01 -22.76
N PRO B 12 29.63 12.15 -22.10
CA PRO B 12 30.80 12.66 -21.37
C PRO B 12 31.69 13.46 -22.31
N GLY B 13 32.12 14.63 -21.82
CA GLY B 13 32.95 15.54 -22.57
C GLY B 13 32.21 16.59 -23.37
N GLN B 14 31.00 16.32 -23.84
CA GLN B 14 30.26 17.29 -24.64
C GLN B 14 29.59 18.35 -23.75
N SER B 15 28.72 19.18 -24.04
CA SER B 15 28.03 20.36 -23.53
C SER B 15 26.51 20.13 -23.48
N VAL B 16 26.02 20.66 -22.57
CA VAL B 16 24.58 20.76 -22.44
C VAL B 16 24.23 22.21 -22.09
N THR B 17 23.10 22.70 -22.62
CA THR B 17 22.60 24.02 -22.32
C THR B 17 21.14 23.92 -21.89
N ILE B 18 20.82 24.55 -20.76
CA ILE B 18 19.50 24.49 -20.14
C ILE B 18 18.95 25.91 -20.08
N SER B 19 17.72 26.08 -20.54
CA SER B 19 17.06 27.37 -20.61
C SER B 19 16.10 27.56 -19.45
N CYS B 20 15.80 28.83 -19.19
CA CYS B 20 15.01 29.27 -18.04
C CYS B 20 14.32 30.58 -18.44
N THR B 21 13.06 30.50 -18.82
CA THR B 21 12.35 31.65 -19.38
C THR B 21 11.46 32.29 -18.32
N GLY B 22 11.66 33.59 -18.11
CA GLY B 22 10.83 34.36 -17.22
C GLY B 22 10.14 35.48 -17.98
N THR B 23 10.09 36.68 -17.39
CA THR B 23 9.46 37.83 -18.02
C THR B 23 10.38 39.03 -17.93
N SER B 24 9.95 40.14 -18.54
CA SER B 24 10.67 41.40 -18.40
C SER B 24 10.70 41.89 -16.96
N SER B 25 9.86 41.32 -16.08
CA SER B 25 9.81 41.72 -14.69
C SER B 25 10.71 40.88 -13.79
N ASP B 26 11.51 39.97 -14.35
CA ASP B 26 12.47 39.23 -13.54
C ASP B 26 13.77 38.95 -14.31
N VAL B 27 13.80 37.88 -15.10
CA VAL B 27 15.00 37.54 -15.85
C VAL B 27 15.37 38.68 -16.80
N GLY B 28 14.38 39.25 -17.48
CA GLY B 28 14.68 40.31 -18.41
C GLY B 28 14.83 41.68 -17.79
N GLY B 29 14.53 41.81 -16.49
CA GLY B 29 14.58 43.10 -15.84
C GLY B 29 15.80 43.32 -14.97
N TYR B 30 16.40 42.24 -14.48
CA TYR B 30 17.44 42.35 -13.47
C TYR B 30 18.55 41.35 -13.74
N ASN B 31 19.67 41.53 -13.05
CA ASN B 31 20.83 40.67 -13.19
C ASN B 31 21.05 39.81 -11.95
N TYR B 32 19.97 39.31 -11.36
CA TYR B 32 20.07 38.43 -10.21
C TYR B 32 19.44 37.08 -10.54
N VAL B 33 19.96 36.44 -11.58
CA VAL B 33 19.58 35.09 -11.96
C VAL B 33 20.57 34.12 -11.35
N SER B 34 20.07 33.10 -10.66
CA SER B 34 20.91 32.11 -10.03
C SER B 34 20.61 30.73 -10.59
N TRP B 35 21.61 29.87 -10.56
CA TRP B 35 21.49 28.47 -10.91
C TRP B 35 22.03 27.64 -9.76
N TYR B 36 21.24 26.63 -9.36
CA TYR B 36 21.52 25.73 -8.27
C TYR B 36 21.53 24.29 -8.80
N GLN B 37 22.47 23.50 -8.32
CA GLN B 37 22.56 22.08 -8.64
C GLN B 37 22.16 21.28 -7.41
N GLN B 38 21.36 20.23 -7.61
CA GLN B 38 20.84 19.43 -6.51
C GLN B 38 20.94 17.96 -6.87
N HIS B 39 21.73 17.22 -6.10
CA HIS B 39 21.74 15.77 -6.15
C HIS B 39 20.63 15.22 -5.25
N PRO B 40 20.10 14.05 -5.56
CA PRO B 40 18.97 13.50 -4.80
C PRO B 40 19.25 13.43 -3.31
N GLY B 41 18.34 14.00 -2.51
CA GLY B 41 18.45 13.93 -1.07
C GLY B 41 19.50 14.82 -0.46
N LYS B 42 20.01 15.80 -1.21
CA LYS B 42 21.02 16.73 -0.71
C LYS B 42 20.50 18.15 -0.88
N ALA B 43 21.12 19.07 -0.15
CA ALA B 43 20.72 20.46 -0.27
C ALA B 43 21.14 21.01 -1.63
N PRO B 44 20.37 21.94 -2.20
CA PRO B 44 20.81 22.61 -3.42
C PRO B 44 22.13 23.34 -3.21
N LYS B 45 22.93 23.42 -4.26
CA LYS B 45 24.25 24.07 -4.22
C LYS B 45 24.31 25.16 -5.27
N LEU B 46 24.70 26.35 -4.85
CA LEU B 46 24.85 27.47 -5.78
C LEU B 46 26.00 27.21 -6.75
N ILE B 47 25.73 27.37 -8.05
CA ILE B 47 26.78 27.17 -9.04
C ILE B 47 26.90 28.40 -9.94
N ILE B 48 25.81 29.15 -10.12
CA ILE B 48 25.91 30.41 -10.86
C ILE B 48 25.08 31.46 -10.14
N TYR B 49 25.64 32.66 -10.00
CA TYR B 49 24.86 33.80 -9.49
C TYR B 49 25.11 35.02 -10.34
N GLU B 50 24.18 35.97 -10.25
CA GLU B 50 24.23 37.20 -11.03
C GLU B 50 24.49 36.88 -12.50
N VAL B 51 23.77 35.86 -12.99
CA VAL B 51 23.64 35.46 -14.39
C VAL B 51 24.86 34.70 -14.88
N SER B 52 26.06 35.19 -14.57
CA SER B 52 27.26 34.59 -15.12
C SER B 52 28.39 34.35 -14.11
N LYS B 53 28.24 34.72 -12.85
CA LYS B 53 29.34 34.63 -11.89
C LYS B 53 29.34 33.28 -11.19
N ARG B 54 30.53 32.83 -10.80
CA ARG B 54 30.66 31.56 -10.13
C ARG B 54 31.15 31.72 -8.70
N PRO B 55 30.53 31.03 -7.74
CA PRO B 55 31.05 31.04 -6.38
C PRO B 55 32.33 30.23 -6.27
N SER B 56 33.04 30.46 -5.17
CA SER B 56 34.28 29.75 -4.87
C SER B 56 34.12 28.23 -5.01
N GLY B 57 35.07 27.60 -5.71
CA GLY B 57 35.08 26.17 -5.88
C GLY B 57 34.39 25.62 -7.11
N VAL B 58 33.66 26.43 -7.87
CA VAL B 58 32.94 25.97 -9.04
C VAL B 58 33.82 26.23 -10.27
N PRO B 59 34.20 25.21 -11.03
CA PRO B 59 35.08 25.44 -12.18
C PRO B 59 34.36 26.14 -13.32
N ASP B 60 35.15 26.75 -14.21
CA ASP B 60 34.57 27.50 -15.32
C ASP B 60 33.86 26.62 -16.34
N ARG B 61 33.92 25.29 -16.23
CA ARG B 61 33.10 24.42 -17.05
C ARG B 61 31.64 24.86 -17.03
N PHE B 62 31.21 25.42 -15.90
CA PHE B 62 29.86 25.91 -15.73
C PHE B 62 29.82 27.39 -16.09
N SER B 63 28.92 27.76 -16.98
CA SER B 63 28.82 29.15 -17.40
C SER B 63 27.35 29.52 -17.52
N GLY B 64 27.06 30.79 -17.28
CA GLY B 64 25.71 31.29 -17.38
C GLY B 64 25.66 32.53 -18.24
N SER B 65 24.53 32.71 -18.91
CA SER B 65 24.27 33.91 -19.68
C SER B 65 22.77 34.15 -19.71
N LYS B 66 22.36 35.23 -20.36
CA LYS B 66 20.94 35.48 -20.56
C LYS B 66 20.79 36.32 -21.82
N SER B 67 19.62 36.24 -22.42
CA SER B 67 19.26 37.10 -23.53
C SER B 67 17.76 37.31 -23.47
N GLY B 68 17.34 38.57 -23.64
CA GLY B 68 15.94 38.88 -23.48
C GLY B 68 15.45 38.40 -22.14
N ASN B 69 14.38 37.60 -22.17
CA ASN B 69 13.75 37.10 -20.96
C ASN B 69 14.16 35.67 -20.61
N THR B 70 15.18 35.12 -21.26
CA THR B 70 15.58 33.75 -21.04
C THR B 70 17.03 33.68 -20.57
N ALA B 71 17.26 33.01 -19.45
CA ALA B 71 18.61 32.73 -18.97
C ALA B 71 19.01 31.31 -19.34
N SER B 72 20.31 31.10 -19.49
CA SER B 72 20.81 29.81 -19.96
C SER B 72 22.05 29.42 -19.16
N LEU B 73 22.08 28.15 -18.73
CA LEU B 73 23.23 27.53 -18.10
C LEU B 73 23.85 26.52 -19.06
N THR B 74 25.16 26.63 -19.29
CA THR B 74 25.88 25.69 -20.12
C THR B 74 26.90 24.95 -19.27
N VAL B 75 26.78 23.62 -19.26
CA VAL B 75 27.76 22.72 -18.66
C VAL B 75 28.56 22.11 -19.80
N SER B 76 29.79 22.56 -19.97
CA SER B 76 30.74 21.96 -20.90
C SER B 76 31.53 20.84 -20.21
N GLY B 77 32.08 19.95 -21.03
CA GLY B 77 32.94 18.90 -20.53
C GLY B 77 32.22 18.00 -19.55
N LEU B 78 31.04 17.56 -19.95
CA LEU B 78 30.13 16.83 -19.06
C LEU B 78 30.81 15.62 -18.46
N GLN B 79 30.60 15.45 -17.16
CA GLN B 79 31.06 14.31 -16.41
C GLN B 79 29.89 13.65 -15.70
N ALA B 80 30.09 12.41 -15.25
CA ALA B 80 29.02 11.64 -14.63
C ALA B 80 28.43 12.36 -13.42
N GLU B 81 29.29 13.02 -12.62
CA GLU B 81 28.80 13.70 -11.42
C GLU B 81 27.87 14.86 -11.73
N ASP B 82 27.83 15.33 -12.97
CA ASP B 82 26.94 16.42 -13.36
C ASP B 82 25.48 15.98 -13.41
N GLU B 83 25.23 14.66 -13.44
CA GLU B 83 23.88 14.14 -13.44
C GLU B 83 23.16 14.58 -12.17
N ALA B 84 22.12 15.41 -12.32
CA ALA B 84 21.47 16.03 -11.16
C ALA B 84 20.31 16.90 -11.62
N ASP B 85 19.56 17.49 -10.69
CA ASP B 85 18.54 18.46 -11.04
C ASP B 85 19.14 19.86 -10.96
N TYR B 86 18.75 20.72 -11.88
CA TYR B 86 19.25 22.10 -11.95
C TYR B 86 18.07 23.06 -11.89
N TYR B 87 18.15 24.04 -10.99
CA TYR B 87 17.08 25.01 -10.79
C TYR B 87 17.58 26.41 -11.07
N CYS B 88 16.86 27.16 -11.90
CA CYS B 88 17.11 28.59 -11.99
C CYS B 88 16.22 29.36 -11.02
N SER B 89 16.64 30.58 -10.71
CA SER B 89 15.90 31.49 -9.85
C SER B 89 16.15 32.91 -10.31
N SER B 90 15.20 33.80 -10.02
CA SER B 90 15.43 35.21 -10.31
C SER B 90 14.65 36.10 -9.34
N TYR B 91 15.23 37.27 -9.10
CA TYR B 91 14.55 38.38 -8.44
C TYR B 91 13.42 38.91 -9.32
N THR B 92 12.40 39.50 -8.67
CA THR B 92 11.27 40.09 -9.36
C THR B 92 11.07 41.54 -8.93
N SER B 93 10.43 42.31 -9.83
CA SER B 93 10.08 43.69 -9.53
C SER B 93 9.12 43.81 -8.35
N SER B 94 8.43 42.71 -7.98
CA SER B 94 7.66 42.65 -6.74
C SER B 94 8.52 42.44 -5.50
N SER B 95 9.85 42.45 -5.63
CA SER B 95 10.75 42.18 -4.50
C SER B 95 10.50 40.79 -3.93
N THR B 96 10.40 39.80 -4.81
CA THR B 96 10.28 38.39 -4.43
C THR B 96 11.34 37.61 -5.18
N LEU B 97 11.40 36.31 -4.91
CA LEU B 97 12.22 35.38 -5.67
C LEU B 97 11.33 34.32 -6.30
N VAL B 98 11.59 33.97 -7.55
CA VAL B 98 10.90 32.86 -8.19
C VAL B 98 11.91 31.84 -8.66
N PHE B 99 11.50 30.57 -8.61
CA PHE B 99 12.29 29.46 -9.10
C PHE B 99 11.71 28.95 -10.41
N GLY B 100 12.58 28.37 -11.24
CA GLY B 100 12.13 27.49 -12.29
C GLY B 100 11.75 26.13 -11.76
N GLY B 101 11.07 25.36 -12.60
CA GLY B 101 10.61 24.04 -12.19
C GLY B 101 11.68 22.98 -12.13
N GLY B 102 12.87 23.25 -12.63
CA GLY B 102 13.95 22.29 -12.54
C GLY B 102 14.12 21.48 -13.81
N THR B 103 15.37 21.12 -14.10
CA THR B 103 15.75 20.36 -15.27
C THR B 103 16.62 19.20 -14.80
N LYS B 104 16.20 17.98 -15.10
CA LYS B 104 16.97 16.78 -14.75
C LYS B 104 17.99 16.47 -15.84
N LEU B 105 19.28 16.60 -15.52
CA LEU B 105 20.36 16.31 -16.46
C LEU B 105 20.89 14.90 -16.21
N THR B 106 20.85 14.08 -17.25
CA THR B 106 21.38 12.73 -17.29
C THR B 106 22.59 12.66 -18.23
N VAL B 107 23.62 11.93 -17.81
CA VAL B 107 24.77 11.64 -18.65
C VAL B 107 24.60 10.24 -19.25
N LEU B 108 24.59 10.15 -20.58
CA LEU B 108 24.27 8.96 -21.36
C LEU B 108 25.57 8.18 -21.62
N GLY B 109 25.45 7.15 -22.46
CA GLY B 109 26.57 6.38 -22.94
C GLY B 109 27.00 5.26 -22.03
N GLN B 110 26.42 5.17 -20.84
CA GLN B 110 26.76 4.12 -19.91
C GLN B 110 26.38 2.77 -20.50
N PRO B 111 27.26 1.78 -20.41
CA PRO B 111 26.99 0.48 -21.02
C PRO B 111 25.99 -0.32 -20.21
N LYS B 112 25.33 -1.24 -20.92
CA LYS B 112 24.45 -2.21 -20.27
C LYS B 112 25.18 -2.97 -19.19
N ALA B 113 24.55 -3.07 -18.03
CA ALA B 113 25.11 -3.82 -16.91
C ALA B 113 24.01 -4.64 -16.26
N ALA B 114 24.28 -5.92 -16.04
CA ALA B 114 23.33 -6.82 -15.41
C ALA B 114 23.24 -6.55 -13.90
N PRO B 115 22.09 -6.82 -13.30
CA PRO B 115 21.94 -6.59 -11.85
C PRO B 115 22.76 -7.57 -11.01
N SER B 116 23.30 -7.07 -9.91
CA SER B 116 23.81 -7.89 -8.82
C SER B 116 22.68 -8.10 -7.83
N VAL B 117 22.52 -9.34 -7.36
CA VAL B 117 21.41 -9.69 -6.49
C VAL B 117 21.94 -10.35 -5.22
N THR B 118 21.48 -9.86 -4.07
CA THR B 118 21.70 -10.47 -2.77
C THR B 118 20.35 -10.82 -2.17
N LEU B 119 20.20 -12.03 -1.66
CA LEU B 119 18.97 -12.44 -1.08
C LEU B 119 19.07 -13.00 0.29
N PHE B 120 18.48 -12.35 1.24
CA PHE B 120 18.53 -12.82 2.60
C PHE B 120 17.27 -13.51 3.04
N PRO B 121 17.45 -14.59 3.80
CA PRO B 121 16.35 -15.30 4.39
C PRO B 121 15.92 -14.57 5.66
N PRO B 122 14.82 -15.03 6.21
CA PRO B 122 14.36 -14.40 7.43
C PRO B 122 15.22 -14.80 8.57
N SER B 123 15.41 -13.91 9.51
CA SER B 123 16.22 -14.21 10.64
C SER B 123 15.49 -15.02 11.68
N SER B 124 16.23 -15.55 12.62
CA SER B 124 15.68 -16.27 13.75
C SER B 124 14.86 -15.32 14.53
N GLU B 125 15.45 -14.18 14.80
CA GLU B 125 14.81 -13.13 15.50
C GLU B 125 13.49 -12.70 14.89
N GLU B 126 13.39 -12.60 13.58
CA GLU B 126 12.15 -12.17 12.96
C GLU B 126 11.11 -13.24 13.07
N LEU B 127 11.54 -14.47 12.86
CA LEU B 127 10.69 -15.62 12.91
C LEU B 127 10.09 -15.70 14.26
N GLN B 128 10.90 -15.55 15.30
CA GLN B 128 10.50 -15.47 16.67
C GLN B 128 9.37 -14.47 16.85
N ALA B 129 9.38 -13.31 16.24
CA ALA B 129 8.29 -12.38 16.24
C ALA B 129 7.14 -12.68 15.21
N ASN B 130 7.12 -13.89 14.63
CA ASN B 130 6.10 -14.32 13.66
C ASN B 130 6.02 -13.30 12.57
N LYS B 131 7.16 -12.97 11.99
CA LYS B 131 7.33 -11.94 10.99
C LYS B 131 8.53 -12.10 9.99
N ALA B 132 8.47 -13.21 9.27
CA ALA B 132 9.43 -13.54 8.25
C ALA B 132 9.36 -12.67 7.02
N THR B 133 10.47 -12.27 6.48
CA THR B 133 10.47 -11.43 5.32
C THR B 133 11.67 -11.83 4.53
N LEU B 134 11.53 -12.10 3.26
CA LEU B 134 12.63 -12.41 2.42
C LEU B 134 13.11 -11.10 1.81
N VAL B 135 14.39 -10.85 1.84
CA VAL B 135 14.95 -9.61 1.33
C VAL B 135 15.87 -9.80 0.12
N CYS B 136 15.44 -9.24 -0.98
CA CYS B 136 16.10 -9.27 -2.28
C CYS B 136 16.59 -7.89 -2.70
N LEU B 137 17.89 -7.70 -2.70
CA LEU B 137 18.53 -6.43 -2.98
C LEU B 137 19.21 -6.48 -4.35
N ILE B 138 18.91 -5.50 -5.20
CA ILE B 138 19.30 -5.50 -6.60
C ILE B 138 20.08 -4.22 -6.86
N SER B 139 21.26 -4.33 -7.45
CA SER B 139 22.11 -3.15 -7.57
C SER B 139 22.96 -3.21 -8.83
N ASP B 140 23.48 -2.05 -9.22
CA ASP B 140 24.48 -1.93 -10.28
C ASP B 140 23.95 -2.36 -11.65
N PHE B 141 22.67 -2.13 -11.91
CA PHE B 141 22.16 -2.45 -13.24
C PHE B 141 21.89 -1.17 -14.02
N TYR B 142 21.90 -1.32 -15.34
CA TYR B 142 21.66 -0.22 -16.27
C TYR B 142 21.28 -0.81 -17.63
N PRO B 143 20.23 -0.28 -18.29
CA PRO B 143 19.36 0.83 -17.89
C PRO B 143 18.53 0.52 -16.64
N GLY B 144 17.84 1.54 -16.11
CA GLY B 144 17.10 1.40 -14.87
C GLY B 144 15.75 0.73 -14.96
N ALA B 145 15.67 -0.43 -15.60
CA ALA B 145 14.43 -1.19 -15.70
C ALA B 145 14.68 -2.64 -15.33
N VAL B 146 13.86 -3.17 -14.42
CA VAL B 146 13.96 -4.55 -13.96
C VAL B 146 12.55 -5.07 -13.72
N THR B 147 12.39 -6.38 -13.83
CA THR B 147 11.20 -7.05 -13.34
C THR B 147 11.63 -8.11 -12.34
N VAL B 148 10.86 -8.30 -11.28
CA VAL B 148 11.17 -9.25 -10.23
C VAL B 148 10.05 -10.28 -10.12
N ALA B 149 10.43 -11.54 -9.96
CA ALA B 149 9.50 -12.63 -9.74
C ALA B 149 9.95 -13.44 -8.54
N TRP B 150 8.99 -13.88 -7.76
CA TRP B 150 9.28 -14.70 -6.64
C TRP B 150 8.69 -16.07 -6.85
N LYS B 151 9.42 -17.04 -6.40
CA LYS B 151 9.13 -18.42 -6.56
C LYS B 151 9.17 -19.20 -5.26
N ALA B 152 8.11 -19.95 -5.00
CA ALA B 152 8.07 -20.81 -3.82
C ALA B 152 8.23 -22.17 -4.41
N ASP B 153 9.28 -22.80 -4.01
CA ASP B 153 9.75 -24.03 -4.57
C ASP B 153 9.95 -23.82 -6.04
N SER B 154 8.96 -24.21 -6.82
CA SER B 154 8.97 -24.11 -8.26
C SER B 154 7.78 -23.37 -8.76
N SER B 155 6.99 -22.85 -7.87
CA SER B 155 5.81 -22.19 -8.26
C SER B 155 5.85 -20.72 -7.91
N PRO B 156 5.14 -19.89 -8.67
CA PRO B 156 5.04 -18.46 -8.51
C PRO B 156 4.32 -18.06 -7.25
N VAL B 157 4.61 -16.86 -6.78
CA VAL B 157 4.07 -16.30 -5.56
C VAL B 157 3.86 -14.85 -5.80
N LYS B 158 2.74 -14.25 -5.42
CA LYS B 158 2.59 -12.84 -5.66
C LYS B 158 1.95 -12.06 -4.55
N ALA B 159 1.43 -12.72 -3.54
CA ALA B 159 0.85 -11.95 -2.45
C ALA B 159 1.90 -11.69 -1.41
N GLY B 160 1.91 -10.50 -0.88
CA GLY B 160 2.88 -10.14 0.11
C GLY B 160 4.20 -9.85 -0.52
N VAL B 161 4.13 -9.27 -1.71
CA VAL B 161 5.30 -8.89 -2.43
C VAL B 161 5.30 -7.39 -2.51
N GLU B 162 6.43 -6.79 -2.22
CA GLU B 162 6.62 -5.35 -2.25
C GLU B 162 7.91 -5.06 -3.01
N THR B 163 7.83 -4.28 -4.08
CA THR B 163 9.01 -4.00 -4.88
C THR B 163 9.10 -2.51 -5.12
N THR B 164 10.27 -1.94 -4.86
CA THR B 164 10.47 -0.53 -5.11
C THR B 164 10.53 -0.25 -6.61
N THR B 165 10.38 0.96 -6.94
CA THR B 165 10.74 1.30 -8.30
C THR B 165 12.21 1.66 -8.36
N PRO B 166 12.88 1.39 -9.48
CA PRO B 166 14.33 1.63 -9.53
C PRO B 166 14.67 3.07 -9.20
N SER B 167 15.78 3.24 -8.49
CA SER B 167 16.30 4.55 -8.19
C SER B 167 17.76 4.61 -8.59
N LYS B 168 18.19 5.81 -8.91
CA LYS B 168 19.56 6.02 -9.33
C LYS B 168 20.49 5.84 -8.15
N GLN B 169 21.63 5.18 -8.38
CA GLN B 169 22.64 5.07 -7.34
C GLN B 169 23.52 6.32 -7.41
N SER B 170 24.53 6.37 -6.54
CA SER B 170 25.42 7.52 -6.58
C SER B 170 26.46 7.41 -7.70
N ASN B 171 26.55 6.27 -8.38
CA ASN B 171 27.41 6.12 -9.55
C ASN B 171 26.61 6.11 -10.86
N ASN B 172 25.42 6.70 -10.84
CA ASN B 172 24.46 6.76 -11.94
C ASN B 172 24.02 5.39 -12.45
N LYS B 173 24.33 4.31 -11.73
CA LYS B 173 23.69 3.03 -12.02
C LYS B 173 22.42 2.94 -11.17
N TYR B 174 21.68 1.85 -11.33
CA TYR B 174 20.37 1.77 -10.70
C TYR B 174 20.31 0.66 -9.66
N ALA B 175 19.40 0.84 -8.69
CA ALA B 175 19.18 -0.13 -7.63
C ALA B 175 17.69 -0.27 -7.36
N ALA B 176 17.31 -1.42 -6.81
CA ALA B 176 15.95 -1.67 -6.38
C ALA B 176 15.97 -2.73 -5.29
N SER B 177 14.82 -2.92 -4.65
CA SER B 177 14.69 -3.94 -3.62
C SER B 177 13.29 -4.54 -3.67
N SER B 178 13.21 -5.81 -3.27
CA SER B 178 11.95 -6.54 -3.29
C SER B 178 11.85 -7.37 -2.01
N TYR B 179 10.66 -7.38 -1.44
CA TYR B 179 10.39 -7.99 -0.14
C TYR B 179 9.26 -8.98 -0.30
N LEU B 180 9.48 -10.21 0.14
CA LEU B 180 8.40 -11.18 0.17
C LEU B 180 8.07 -11.48 1.63
N SER B 181 6.90 -11.03 2.01
CA SER B 181 6.41 -11.22 3.32
C SER B 181 5.74 -12.57 3.45
N LEU B 182 6.16 -13.34 4.40
CA LEU B 182 5.59 -14.63 4.65
C LEU B 182 5.27 -14.77 6.09
N THR B 183 4.75 -15.94 6.39
CA THR B 183 4.50 -16.37 7.73
C THR B 183 5.50 -17.44 8.00
N PRO B 184 5.77 -17.68 9.24
CA PRO B 184 6.70 -18.71 9.62
C PRO B 184 6.30 -20.10 9.13
N GLU B 185 5.02 -20.45 9.07
CA GLU B 185 4.74 -21.74 8.50
C GLU B 185 4.77 -21.67 6.99
N GLN B 186 4.48 -20.52 6.39
CA GLN B 186 4.64 -20.37 4.95
C GLN B 186 6.13 -20.62 4.67
N TRP B 187 7.03 -20.00 5.45
CA TRP B 187 8.46 -20.23 5.30
C TRP B 187 8.92 -21.66 5.40
N LYS B 188 8.72 -22.30 6.53
CA LYS B 188 9.25 -23.65 6.72
C LYS B 188 8.58 -24.74 5.92
N SER B 189 7.37 -24.51 5.45
CA SER B 189 6.71 -25.51 4.65
C SER B 189 7.19 -25.74 3.25
N HIS B 190 8.09 -24.92 2.75
CA HIS B 190 8.62 -25.08 1.42
C HIS B 190 10.04 -25.51 1.52
N ARG B 191 10.54 -25.91 0.39
CA ARG B 191 11.91 -26.40 0.31
C ARG B 191 12.88 -25.27 0.02
N SER B 192 12.45 -24.25 -0.71
CA SER B 192 13.31 -23.15 -1.10
C SER B 192 12.43 -22.01 -1.62
N TYR B 193 12.89 -20.79 -1.40
CA TYR B 193 12.28 -19.60 -1.99
C TYR B 193 13.31 -18.92 -2.87
N SER B 194 12.85 -18.34 -3.98
CA SER B 194 13.75 -17.75 -4.95
C SER B 194 13.28 -16.37 -5.38
N CYS B 195 14.26 -15.50 -5.63
CA CYS B 195 14.05 -14.19 -6.20
C CYS B 195 14.76 -14.15 -7.55
N GLN B 196 14.02 -13.84 -8.61
CA GLN B 196 14.55 -13.84 -9.97
C GLN B 196 14.34 -12.46 -10.58
N VAL B 197 15.44 -11.87 -11.05
CA VAL B 197 15.44 -10.50 -11.54
C VAL B 197 15.74 -10.55 -13.04
N THR B 198 14.80 -10.09 -13.85
CA THR B 198 14.96 -10.05 -15.29
C THR B 198 15.28 -8.62 -15.74
N HIS B 199 16.28 -8.52 -16.61
CA HIS B 199 16.84 -7.26 -17.09
C HIS B 199 17.25 -7.51 -18.53
N GLU B 200 16.63 -6.80 -19.46
CA GLU B 200 16.89 -6.95 -20.90
C GLU B 200 16.81 -8.41 -21.34
N GLY B 201 15.76 -9.08 -20.91
CA GLY B 201 15.52 -10.45 -21.31
C GLY B 201 16.34 -11.50 -20.60
N SER B 202 17.33 -11.11 -19.79
CA SER B 202 18.18 -12.07 -19.10
C SER B 202 17.96 -12.00 -17.60
N THR B 203 18.10 -13.14 -16.93
CA THR B 203 17.67 -13.25 -15.54
C THR B 203 18.83 -13.66 -14.64
N VAL B 204 18.87 -13.05 -13.46
CA VAL B 204 19.75 -13.43 -12.36
C VAL B 204 18.87 -13.99 -11.24
N GLU B 205 19.23 -15.16 -10.74
CA GLU B 205 18.39 -15.90 -9.80
C GLU B 205 19.14 -16.14 -8.50
N LYS B 206 18.45 -15.95 -7.36
CA LYS B 206 18.97 -16.30 -6.06
C LYS B 206 17.96 -17.16 -5.31
N THR B 207 18.45 -18.12 -4.53
CA THR B 207 17.60 -19.05 -3.81
C THR B 207 18.10 -19.23 -2.38
N VAL B 208 17.17 -19.27 -1.43
CA VAL B 208 17.49 -19.56 -0.04
C VAL B 208 16.54 -20.64 0.45
N ALA B 209 16.99 -21.37 1.47
CA ALA B 209 16.24 -22.48 2.04
C ALA B 209 16.36 -22.41 3.56
N PRO B 210 15.37 -22.93 4.29
CA PRO B 210 15.45 -22.93 5.76
C PRO B 210 16.58 -23.83 6.28
N PCA C 1 34.08 27.64 9.08
CA PCA C 1 33.29 27.86 7.94
CB PCA C 1 33.27 26.50 7.32
CG PCA C 1 33.52 25.52 8.44
CD PCA C 1 34.19 26.41 9.40
OE PCA C 1 34.75 25.99 10.33
C PCA C 1 31.85 28.21 8.20
O PCA C 1 31.28 27.88 9.23
N VAL C 2 31.25 28.90 7.27
CA VAL C 2 29.84 29.23 7.35
C VAL C 2 29.02 27.95 7.30
N GLN C 3 28.15 27.77 8.28
CA GLN C 3 27.36 26.55 8.35
C GLN C 3 25.97 26.82 8.90
N LEU C 4 24.99 26.16 8.29
CA LEU C 4 23.59 26.22 8.71
C LEU C 4 23.16 24.81 9.07
N VAL C 5 22.79 24.59 10.34
CA VAL C 5 22.41 23.26 10.82
C VAL C 5 20.95 23.31 11.26
N GLN C 6 20.12 22.46 10.68
CA GLN C 6 18.70 22.49 10.96
C GLN C 6 18.31 21.38 11.92
N SER C 7 17.16 21.56 12.57
CA SER C 7 16.64 20.56 13.48
C SER C 7 16.19 19.31 12.72
N GLY C 8 15.90 18.26 13.50
CA GLY C 8 15.55 16.97 12.93
C GLY C 8 14.15 16.90 12.37
N SER C 9 13.95 15.87 11.53
CA SER C 9 12.65 15.61 10.92
C SER C 9 11.59 15.41 12.00
N GLU C 10 10.34 15.75 11.64
CA GLU C 10 9.25 15.63 12.61
C GLU C 10 7.98 15.13 11.91
N LEU C 11 7.18 14.38 12.66
CA LEU C 11 5.82 14.01 12.29
C LEU C 11 4.83 14.86 13.08
N LYS C 12 3.83 15.41 12.39
CA LYS C 12 2.83 16.21 13.07
C LYS C 12 1.44 15.91 12.50
N LYS C 13 0.44 16.04 13.34
CA LYS C 13 -0.93 15.78 12.95
C LYS C 13 -1.53 17.01 12.29
N PRO C 14 -2.60 16.85 11.52
CA PRO C 14 -3.26 18.02 10.92
C PRO C 14 -3.72 19.00 11.98
N GLY C 15 -3.58 20.29 11.68
CA GLY C 15 -3.95 21.32 12.62
C GLY C 15 -2.93 21.60 13.70
N ALA C 16 -1.91 20.74 13.87
CA ALA C 16 -0.87 21.01 14.85
C ALA C 16 0.08 22.09 14.32
N SER C 17 1.08 22.41 15.13
CA SER C 17 2.13 23.36 14.77
C SER C 17 3.48 22.65 14.80
N VAL C 18 4.44 23.21 14.08
CA VAL C 18 5.80 22.70 14.11
C VAL C 18 6.77 23.86 14.02
N ARG C 19 7.89 23.76 14.73
CA ARG C 19 8.93 24.77 14.67
C ARG C 19 10.25 24.13 14.32
N ILE C 20 10.89 24.64 13.27
CA ILE C 20 12.14 24.15 12.74
C ILE C 20 13.20 25.21 13.01
N SER C 21 14.36 24.78 13.48
CA SER C 21 15.43 25.71 13.80
C SER C 21 16.56 25.57 12.79
N CYS C 22 17.27 26.67 12.62
CA CYS C 22 18.35 26.79 11.64
C CYS C 22 19.43 27.57 12.36
N LYS C 23 20.42 26.87 12.87
CA LYS C 23 21.44 27.47 13.72
C LYS C 23 22.65 27.80 12.84
N ALA C 24 23.04 29.07 12.86
CA ALA C 24 24.12 29.57 12.02
C ALA C 24 25.42 29.61 12.82
N SER C 25 26.49 29.19 12.18
CA SER C 25 27.82 29.25 12.75
C SER C 25 28.79 29.73 11.68
N GLY C 26 29.86 30.40 12.11
CA GLY C 26 30.93 30.77 11.21
C GLY C 26 30.84 32.16 10.61
N TYR C 27 29.86 32.97 10.99
CA TYR C 27 29.76 34.35 10.51
C TYR C 27 28.91 35.14 11.49
N SER C 28 28.84 36.46 11.28
CA SER C 28 28.06 37.36 12.11
C SER C 28 26.60 37.23 11.70
N PHE C 29 25.82 36.49 12.51
CA PHE C 29 24.43 36.18 12.18
C PHE C 29 23.61 37.39 11.76
N THR C 30 23.68 38.50 12.51
CA THR C 30 22.82 39.64 12.17
C THR C 30 23.30 40.44 10.96
N SER C 31 24.29 39.95 10.21
CA SER C 31 24.82 40.69 9.08
C SER C 31 24.14 40.37 7.75
N LEU C 32 23.48 39.21 7.64
CA LEU C 32 22.89 38.77 6.39
C LEU C 32 21.51 38.18 6.63
N SER C 33 20.60 38.44 5.70
CA SER C 33 19.24 37.92 5.73
C SER C 33 19.23 36.39 5.67
N MET C 34 18.11 35.80 6.09
CA MET C 34 17.86 34.37 5.92
C MET C 34 16.58 34.15 5.11
N ASN C 35 16.65 33.27 4.12
CA ASN C 35 15.49 32.89 3.32
C ASN C 35 15.02 31.49 3.70
N TRP C 36 13.77 31.20 3.36
CA TRP C 36 13.23 29.86 3.55
C TRP C 36 12.70 29.32 2.23
N VAL C 37 12.98 28.03 1.99
CA VAL C 37 12.64 27.37 0.74
C VAL C 37 12.00 26.03 1.05
N ARG C 38 10.93 25.71 0.34
CA ARG C 38 10.21 24.45 0.54
C ARG C 38 10.38 23.55 -0.68
N GLN C 39 10.47 22.25 -0.44
CA GLN C 39 10.54 21.26 -1.51
C GLN C 39 9.66 20.07 -1.14
N ALA C 40 8.48 20.00 -1.76
CA ALA C 40 7.61 18.85 -1.59
C ALA C 40 8.24 17.62 -2.26
N PRO C 41 7.95 16.42 -1.77
CA PRO C 41 8.61 15.22 -2.30
C PRO C 41 8.35 15.05 -3.79
N GLY C 42 9.41 14.79 -4.54
CA GLY C 42 9.34 14.70 -5.99
C GLY C 42 9.09 16.00 -6.71
N GLN C 43 9.02 17.13 -6.00
CA GLN C 43 8.71 18.41 -6.63
C GLN C 43 9.90 19.35 -6.55
N GLY C 44 9.69 20.60 -7.00
CA GLY C 44 10.75 21.56 -7.11
C GLY C 44 10.85 22.48 -5.89
N LEU C 45 11.80 23.40 -5.98
CA LEU C 45 12.00 24.40 -4.94
C LEU C 45 10.94 25.49 -5.03
N GLU C 46 10.43 25.91 -3.85
CA GLU C 46 9.55 27.08 -3.76
C GLU C 46 10.08 28.02 -2.69
N TRP C 47 10.24 29.28 -3.07
CA TRP C 47 10.66 30.32 -2.15
C TRP C 47 9.49 30.70 -1.25
N MET C 48 9.73 30.72 0.07
CA MET C 48 8.70 31.06 1.04
C MET C 48 8.76 32.51 1.49
N GLY C 49 9.94 33.10 1.52
CA GLY C 49 10.12 34.46 1.97
C GLY C 49 11.48 34.61 2.63
N TRP C 50 11.65 35.75 3.31
CA TRP C 50 12.91 36.06 3.96
C TRP C 50 12.67 36.80 5.26
N ILE C 51 13.70 36.79 6.12
CA ILE C 51 13.70 37.57 7.34
C ILE C 51 15.03 38.33 7.42
N SER C 52 14.93 39.61 7.77
CA SER C 52 16.10 40.44 8.08
C SER C 52 16.58 40.15 9.49
N THR C 53 17.84 39.75 9.63
CA THR C 53 18.45 39.55 10.94
C THR C 53 18.89 40.86 11.58
N LYS C 54 18.75 41.98 10.87
CA LYS C 54 19.04 43.27 11.49
C LYS C 54 17.81 43.86 12.17
N SER C 55 16.65 43.83 11.51
CA SER C 55 15.41 44.36 12.06
C SER C 55 14.51 43.27 12.66
N GLY C 56 14.63 42.03 12.21
CA GLY C 56 13.68 41.01 12.60
C GLY C 56 12.42 40.97 11.77
N ASP C 57 12.26 41.89 10.81
CA ASP C 57 11.04 41.93 10.01
C ASP C 57 11.00 40.76 9.04
N PRO C 58 9.91 40.00 8.99
CA PRO C 58 9.75 38.99 7.95
C PRO C 58 8.95 39.53 6.77
N THR C 59 9.21 38.93 5.61
CA THR C 59 8.44 39.18 4.40
C THR C 59 8.11 37.83 3.77
N TYR C 60 6.83 37.58 3.54
CA TYR C 60 6.34 36.28 3.10
C TYR C 60 5.96 36.32 1.62
N ALA C 61 6.32 35.26 0.90
CA ALA C 61 5.78 35.04 -0.43
C ALA C 61 4.26 34.87 -0.36
N GLN C 62 3.60 35.23 -1.47
CA GLN C 62 2.14 35.26 -1.54
C GLN C 62 1.51 33.93 -1.14
N ALA C 63 2.09 32.82 -1.58
CA ALA C 63 1.57 31.50 -1.26
C ALA C 63 1.83 31.07 0.17
N PHE C 64 2.63 31.82 0.93
CA PHE C 64 3.02 31.39 2.27
C PHE C 64 2.68 32.42 3.33
N THR C 65 1.61 33.18 3.15
CA THR C 65 1.20 34.06 4.23
C THR C 65 0.19 33.36 5.16
N GLY C 66 -0.11 34.03 6.26
CA GLY C 66 -1.03 33.50 7.25
C GLY C 66 -0.52 32.45 8.22
N ARG C 67 -0.08 31.29 7.76
CA ARG C 67 0.25 30.19 8.68
C ARG C 67 1.73 30.03 8.94
N PHE C 68 2.57 30.85 8.32
CA PHE C 68 4.02 30.69 8.41
C PHE C 68 4.60 31.89 9.15
N VAL C 69 5.47 31.61 10.12
CA VAL C 69 6.09 32.64 10.93
C VAL C 69 7.60 32.45 10.86
N PHE C 70 8.31 33.47 10.37
CA PHE C 70 9.76 33.51 10.51
C PHE C 70 10.10 34.27 11.79
N SER C 71 11.05 33.72 12.55
CA SER C 71 11.45 34.37 13.80
C SER C 71 12.95 34.16 14.00
N LEU C 72 13.49 34.83 15.02
CA LEU C 72 14.91 34.74 15.33
C LEU C 72 15.15 34.70 16.83
N ASP C 73 16.21 34.00 17.21
CA ASP C 73 16.86 34.15 18.51
C ASP C 73 18.32 34.47 18.19
N THR C 74 18.65 35.76 18.18
CA THR C 74 20.02 36.18 17.85
C THR C 74 21.02 35.74 18.91
N SER C 75 20.59 35.63 20.18
CA SER C 75 21.53 35.26 21.22
C SER C 75 22.06 33.84 21.05
N VAL C 76 21.37 33.00 20.28
CA VAL C 76 21.89 31.69 19.93
C VAL C 76 22.05 31.54 18.41
N ASN C 77 22.15 32.66 17.70
CA ASN C 77 22.42 32.68 16.25
C ASN C 77 21.50 31.74 15.48
N THR C 78 20.21 31.83 15.77
CA THR C 78 19.27 30.85 15.22
C THR C 78 18.08 31.54 14.58
N ALA C 79 17.70 31.06 13.39
CA ALA C 79 16.46 31.45 12.73
C ALA C 79 15.46 30.32 12.85
N TYR C 80 14.19 30.67 12.97
CA TYR C 80 13.13 29.70 13.19
C TYR C 80 12.04 29.85 12.16
N LEU C 81 11.53 28.72 11.69
CA LEU C 81 10.33 28.67 10.87
C LEU C 81 9.25 27.93 11.65
N GLN C 82 8.13 28.59 11.90
CA GLN C 82 6.99 27.95 12.54
C GLN C 82 5.84 27.84 11.55
N ILE C 83 5.27 26.65 11.43
CA ILE C 83 4.11 26.41 10.60
C ILE C 83 2.95 26.05 11.50
N ASN C 84 1.84 26.76 11.35
CA ASN C 84 0.65 26.55 12.16
C ASN C 84 -0.48 25.98 11.29
N SER C 85 -1.45 25.36 11.96
CA SER C 85 -2.60 24.75 11.29
C SER C 85 -2.17 23.85 10.14
N LEU C 86 -1.29 22.89 10.46
CA LEU C 86 -0.62 22.09 9.44
C LEU C 86 -1.62 21.36 8.54
N GLU C 87 -1.34 21.34 7.25
CA GLU C 87 -2.16 20.69 6.24
C GLU C 87 -1.38 19.55 5.59
N ALA C 88 -2.12 18.61 5.00
CA ALA C 88 -1.48 17.47 4.35
C ALA C 88 -0.46 17.92 3.31
N GLY C 89 -0.79 18.96 2.54
CA GLY C 89 0.11 19.50 1.54
C GLY C 89 1.32 20.22 2.08
N ASP C 90 1.44 20.39 3.39
CA ASP C 90 2.63 20.97 4.01
C ASP C 90 3.77 19.97 4.09
N THR C 91 3.51 18.68 3.86
CA THR C 91 4.56 17.67 3.92
C THR C 91 5.68 18.02 2.96
N ALA C 92 6.85 18.35 3.50
CA ALA C 92 7.92 18.80 2.61
C ALA C 92 9.22 18.85 3.39
N VAL C 93 10.32 18.94 2.63
CA VAL C 93 11.62 19.29 3.18
C VAL C 93 11.74 20.80 3.16
N TYR C 94 12.05 21.39 4.30
CA TYR C 94 12.23 22.83 4.41
C TYR C 94 13.71 23.15 4.58
N TYR C 95 14.20 24.12 3.81
CA TYR C 95 15.58 24.57 3.89
C TYR C 95 15.62 26.02 4.38
N CYS C 96 16.53 26.32 5.32
CA CYS C 96 17.00 27.69 5.44
C CYS C 96 18.16 27.91 4.48
N ALA C 97 18.24 29.12 3.91
CA ALA C 97 19.26 29.46 2.93
C ALA C 97 19.69 30.90 3.15
N ARG C 98 20.99 31.12 3.38
CA ARG C 98 21.50 32.45 3.66
C ARG C 98 21.47 33.35 2.42
N GLY C 99 21.14 34.62 2.62
CA GLY C 99 21.21 35.63 1.57
C GLY C 99 22.59 36.22 1.40
N GLN C 100 23.25 35.88 0.29
CA GLN C 100 24.57 36.42 0.00
C GLN C 100 24.50 37.94 -0.11
N PRO C 101 25.53 38.65 0.34
CA PRO C 101 25.58 40.12 0.12
C PRO C 101 25.67 40.43 -1.36
N PRO C 102 25.30 41.64 -1.79
CA PRO C 102 24.89 42.81 -0.98
C PRO C 102 23.39 42.91 -0.73
N VAL C 103 22.57 42.13 -1.44
CA VAL C 103 21.13 42.28 -1.33
C VAL C 103 20.41 41.04 -0.84
N GLY C 104 20.99 39.85 -0.95
CA GLY C 104 20.41 38.66 -0.34
C GLY C 104 19.57 37.80 -1.25
N TRP C 105 19.57 38.04 -2.56
CA TRP C 105 18.74 37.27 -3.48
C TRP C 105 19.50 36.10 -4.10
N THR C 106 20.75 35.90 -3.70
CA THR C 106 21.54 34.73 -4.04
C THR C 106 21.72 33.92 -2.77
N PHE C 107 21.52 32.61 -2.85
CA PHE C 107 21.59 31.74 -1.68
C PHE C 107 22.93 31.01 -1.73
N ASP C 108 23.89 31.47 -0.93
CA ASP C 108 25.23 30.91 -1.00
C ASP C 108 25.41 29.72 -0.06
N TYR C 109 24.76 29.74 1.11
CA TYR C 109 24.84 28.61 2.03
C TYR C 109 23.45 28.16 2.44
N TRP C 110 23.29 26.85 2.56
CA TRP C 110 22.01 26.19 2.79
C TRP C 110 22.11 25.26 3.98
N GLY C 111 21.06 25.23 4.81
CA GLY C 111 20.91 24.16 5.78
C GLY C 111 20.69 22.84 5.09
N GLN C 112 20.86 21.75 5.85
CA GLN C 112 20.72 20.43 5.24
C GLN C 112 19.26 20.04 5.00
N GLY C 113 18.31 20.84 5.45
CA GLY C 113 16.91 20.52 5.21
C GLY C 113 16.29 19.69 6.32
N THR C 114 14.98 19.90 6.52
CA THR C 114 14.22 19.20 7.56
C THR C 114 12.95 18.66 6.94
N LEU C 115 12.71 17.36 7.06
CA LEU C 115 11.51 16.76 6.53
C LEU C 115 10.42 16.87 7.59
N VAL C 116 9.37 17.63 7.27
CA VAL C 116 8.16 17.67 8.05
C VAL C 116 7.14 16.80 7.33
N THR C 117 6.63 15.79 8.04
CA THR C 117 5.58 14.92 7.53
C THR C 117 4.31 15.23 8.30
N VAL C 118 3.27 15.64 7.58
CA VAL C 118 1.97 15.91 8.16
C VAL C 118 1.09 14.70 7.91
N SER C 119 0.70 14.01 8.99
CA SER C 119 -0.18 12.87 8.86
C SER C 119 -0.82 12.57 10.21
N SER C 120 -2.05 12.06 10.17
CA SER C 120 -2.73 11.62 11.38
C SER C 120 -2.24 10.27 11.88
N ALA C 121 -1.55 9.50 11.04
CA ALA C 121 -1.11 8.17 11.41
C ALA C 121 -0.11 8.25 12.57
N SER C 122 -0.12 7.22 13.41
CA SER C 122 0.79 7.19 14.54
C SER C 122 2.23 6.91 14.09
N THR C 123 3.17 7.49 14.81
CA THR C 123 4.56 7.10 14.65
C THR C 123 4.74 5.64 15.02
N LYS C 124 5.72 5.04 14.35
CA LYS C 124 6.11 3.67 14.64
C LYS C 124 7.61 3.57 14.38
N GLY C 125 8.38 3.26 15.42
CA GLY C 125 9.78 3.01 15.27
C GLY C 125 10.00 1.70 14.54
N PRO C 126 11.14 1.56 13.87
CA PRO C 126 11.40 0.33 13.14
C PRO C 126 11.78 -0.81 14.06
N SER C 127 11.49 -2.02 13.58
CA SER C 127 12.10 -3.21 14.15
C SER C 127 13.30 -3.58 13.29
N VAL C 128 14.45 -3.74 13.93
CA VAL C 128 15.72 -3.91 13.23
C VAL C 128 16.19 -5.34 13.42
N PHE C 129 16.34 -6.02 12.30
CA PHE C 129 16.79 -7.36 12.27
C PHE C 129 18.09 -7.53 11.55
N PRO C 130 19.08 -8.05 12.21
CA PRO C 130 20.36 -8.30 11.58
C PRO C 130 20.32 -9.52 10.65
N LEU C 131 20.89 -9.40 9.47
CA LEU C 131 20.93 -10.41 8.46
C LEU C 131 22.27 -11.04 8.29
N ALA C 132 22.43 -12.20 8.87
CA ALA C 132 23.69 -12.89 8.80
C ALA C 132 23.78 -13.74 7.58
N PRO C 133 24.98 -13.82 7.10
CA PRO C 133 25.37 -14.61 5.95
C PRO C 133 25.45 -16.02 6.39
N SER C 134 24.97 -16.91 5.56
CA SER C 134 25.07 -18.33 5.81
C SER C 134 26.50 -18.75 5.56
N SER C 135 26.88 -19.88 6.12
CA SER C 135 28.22 -20.38 5.90
C SER C 135 28.50 -20.61 4.44
N LYS C 136 27.56 -21.15 3.70
CA LYS C 136 27.77 -21.35 2.29
C LYS C 136 28.00 -20.04 1.61
N SER C 137 27.23 -19.03 1.95
CA SER C 137 27.39 -17.71 1.35
C SER C 137 28.77 -16.97 1.56
N THR C 138 29.60 -17.43 2.50
CA THR C 138 30.92 -16.90 2.69
C THR C 138 32.00 -17.72 2.01
N SER C 139 31.63 -18.67 1.13
CA SER C 139 32.54 -19.56 0.44
C SER C 139 33.47 -18.89 -0.56
N GLY C 140 33.02 -17.77 -1.12
CA GLY C 140 33.81 -16.90 -1.96
C GLY C 140 34.58 -15.95 -1.05
N GLY C 141 35.46 -15.13 -1.57
CA GLY C 141 36.23 -14.25 -0.70
C GLY C 141 35.51 -13.33 0.28
N THR C 142 34.36 -12.85 -0.12
CA THR C 142 33.57 -11.89 0.62
C THR C 142 32.23 -12.36 1.11
N ALA C 143 31.74 -11.69 2.12
CA ALA C 143 30.44 -11.99 2.68
C ALA C 143 29.61 -10.72 2.82
N ALA C 144 28.34 -10.84 2.53
CA ALA C 144 27.45 -9.73 2.64
C ALA C 144 26.53 -9.80 3.84
N LEU C 145 26.66 -8.87 4.73
CA LEU C 145 25.82 -8.86 5.88
C LEU C 145 24.92 -7.67 5.89
N GLY C 146 23.84 -7.71 6.63
CA GLY C 146 22.98 -6.55 6.53
C GLY C 146 22.03 -6.38 7.69
N CYS C 147 21.15 -5.39 7.53
CA CYS C 147 20.15 -5.09 8.53
C CYS C 147 18.85 -4.76 7.82
N LEU C 148 17.79 -5.44 8.21
CA LEU C 148 16.43 -5.13 7.79
C LEU C 148 15.79 -4.16 8.78
N VAL C 149 15.32 -3.02 8.28
CA VAL C 149 14.71 -1.97 9.06
C VAL C 149 13.23 -1.98 8.67
N LYS C 150 12.40 -2.65 9.46
CA LYS C 150 11.07 -3.06 9.06
C LYS C 150 9.98 -2.27 9.78
N ASP C 151 8.95 -1.88 9.02
CA ASP C 151 7.68 -1.38 9.55
C ASP C 151 7.88 -0.14 10.43
N TYR C 152 8.27 0.95 9.76
CA TYR C 152 8.38 2.23 10.43
C TYR C 152 7.54 3.29 9.72
N PHE C 153 7.35 4.40 10.41
CA PHE C 153 6.65 5.58 9.92
C PHE C 153 6.92 6.74 10.86
N PRO C 154 7.22 7.94 10.34
CA PRO C 154 7.42 8.19 8.91
C PRO C 154 8.90 8.11 8.51
N GLU C 155 9.19 8.60 7.31
CA GLU C 155 10.55 8.83 6.89
C GLU C 155 11.12 9.99 7.70
N PRO C 156 12.46 10.09 7.81
CA PRO C 156 13.44 9.18 7.24
C PRO C 156 14.17 8.33 8.26
N VAL C 157 14.91 7.37 7.73
CA VAL C 157 15.81 6.51 8.48
C VAL C 157 17.22 6.77 7.99
N THR C 158 18.18 6.81 8.93
CA THR C 158 19.58 6.77 8.52
C THR C 158 20.22 5.51 9.07
N VAL C 159 21.09 4.91 8.27
CA VAL C 159 21.80 3.69 8.64
C VAL C 159 23.29 3.95 8.49
N SER C 160 24.05 3.60 9.52
CA SER C 160 25.49 3.55 9.43
C SER C 160 25.97 2.18 9.92
N TRP C 161 27.25 1.91 9.73
CA TRP C 161 27.87 0.69 10.21
C TRP C 161 29.06 1.04 11.08
N ASN C 162 29.19 0.32 12.19
CA ASN C 162 30.19 0.59 13.23
C ASN C 162 30.36 2.08 13.47
N SER C 163 29.26 2.72 13.89
CA SER C 163 29.21 4.14 14.18
C SER C 163 29.92 5.01 13.14
N GLY C 164 29.83 4.64 11.86
CA GLY C 164 30.39 5.43 10.79
C GLY C 164 31.82 5.10 10.43
N ALA C 165 32.48 4.20 11.16
CA ALA C 165 33.85 3.84 10.81
C ALA C 165 33.92 2.93 9.60
N LEU C 166 32.86 2.17 9.32
CA LEU C 166 32.82 1.23 8.20
C LEU C 166 31.84 1.78 7.15
N THR C 167 32.38 2.39 6.10
CA THR C 167 31.57 2.94 5.03
C THR C 167 31.82 2.31 3.67
N SER C 168 32.95 1.61 3.47
CA SER C 168 33.25 1.08 2.16
C SER C 168 32.54 -0.27 1.99
N GLY C 169 32.00 -0.48 0.79
CA GLY C 169 31.13 -1.63 0.58
C GLY C 169 29.76 -1.54 1.20
N VAL C 170 29.37 -0.35 1.70
CA VAL C 170 28.04 -0.15 2.28
C VAL C 170 27.08 0.33 1.19
N HIS C 171 25.92 -0.32 1.11
CA HIS C 171 24.84 0.07 0.21
C HIS C 171 23.55 0.05 1.02
N THR C 172 23.03 1.23 1.33
CA THR C 172 21.75 1.40 2.00
C THR C 172 20.69 1.70 0.95
N PHE C 173 19.63 0.89 0.92
CA PHE C 173 18.68 0.96 -0.17
C PHE C 173 17.49 1.83 0.19
N PRO C 174 16.92 2.55 -0.79
CA PRO C 174 15.71 3.33 -0.53
C PRO C 174 14.56 2.45 -0.04
N ALA C 175 13.73 3.02 0.82
CA ALA C 175 12.67 2.28 1.47
C ALA C 175 11.56 1.87 0.50
N VAL C 176 10.86 0.80 0.86
CA VAL C 176 9.62 0.40 0.19
C VAL C 176 8.46 0.91 1.03
N LEU C 177 7.43 1.40 0.36
CA LEU C 177 6.20 1.82 1.02
C LEU C 177 5.15 0.73 0.85
N GLN C 178 4.78 0.09 1.94
CA GLN C 178 3.91 -1.07 1.91
C GLN C 178 2.44 -0.64 1.92
N SER C 179 1.59 -1.52 1.36
CA SER C 179 0.15 -1.33 1.41
C SER C 179 -0.35 -1.04 2.82
N SER C 180 0.27 -1.68 3.81
CA SER C 180 -0.07 -1.40 5.21
C SER C 180 0.09 0.06 5.55
N GLY C 181 0.88 0.80 4.78
CA GLY C 181 1.18 2.19 5.07
C GLY C 181 2.53 2.42 5.72
N LEU C 182 3.26 1.36 6.04
CA LEU C 182 4.54 1.47 6.73
C LEU C 182 5.69 1.23 5.76
N TYR C 183 6.85 1.77 6.13
CA TYR C 183 8.06 1.68 5.33
C TYR C 183 8.97 0.55 5.80
N SER C 184 9.77 0.03 4.88
CA SER C 184 10.88 -0.85 5.25
C SER C 184 12.04 -0.60 4.31
N LEU C 185 13.25 -0.73 4.84
CA LEU C 185 14.45 -0.58 4.05
C LEU C 185 15.49 -1.57 4.54
N SER C 186 16.56 -1.72 3.76
CA SER C 186 17.64 -2.62 4.11
C SER C 186 18.97 -1.93 3.87
N SER C 187 19.97 -2.34 4.63
CA SER C 187 21.33 -1.89 4.36
C SER C 187 22.26 -3.10 4.39
N VAL C 188 23.20 -3.14 3.45
CA VAL C 188 24.09 -4.29 3.29
C VAL C 188 25.52 -3.78 3.19
N VAL C 189 26.43 -4.46 3.90
CA VAL C 189 27.86 -4.20 3.77
C VAL C 189 28.56 -5.51 3.44
N THR C 190 29.43 -5.49 2.44
CA THR C 190 30.22 -6.62 2.02
C THR C 190 31.61 -6.54 2.64
N VAL C 191 32.00 -7.58 3.37
CA VAL C 191 33.27 -7.60 4.11
C VAL C 191 34.03 -8.85 3.70
N PRO C 192 35.32 -8.91 4.00
CA PRO C 192 36.08 -10.14 3.73
C PRO C 192 35.54 -11.31 4.54
N SER C 193 35.36 -12.46 3.88
CA SER C 193 34.84 -13.62 4.59
C SER C 193 35.80 -14.08 5.68
N SER C 194 37.08 -13.67 5.59
CA SER C 194 38.06 -14.00 6.62
C SER C 194 37.83 -13.25 7.94
N SER C 195 37.13 -12.12 7.91
CA SER C 195 37.06 -11.28 9.10
C SER C 195 35.88 -11.61 10.00
N LEU C 196 34.97 -12.47 9.55
CA LEU C 196 33.91 -12.95 10.43
C LEU C 196 34.52 -13.89 11.46
N GLY C 197 34.27 -13.62 12.73
CA GLY C 197 34.93 -14.30 13.82
C GLY C 197 35.96 -13.43 14.52
N THR C 198 36.37 -12.33 13.89
CA THR C 198 37.43 -11.47 14.41
C THR C 198 36.92 -10.04 14.55
N GLN C 199 36.26 -9.52 13.50
CA GLN C 199 35.78 -8.14 13.48
C GLN C 199 34.28 -8.12 13.75
N THR C 200 33.87 -7.26 14.69
CA THR C 200 32.46 -7.07 15.03
C THR C 200 31.80 -6.05 14.09
N TYR C 201 30.59 -6.37 13.63
CA TYR C 201 29.82 -5.51 12.74
C TYR C 201 28.49 -5.14 13.38
N ILE C 202 28.22 -3.84 13.43
CA ILE C 202 27.02 -3.32 14.10
C ILE C 202 26.34 -2.33 13.16
N CYS C 203 25.04 -2.54 12.90
CA CYS C 203 24.29 -1.52 12.19
C CYS C 203 23.62 -0.55 13.16
N ASN C 204 23.81 0.75 12.91
CA ASN C 204 23.19 1.83 13.66
C ASN C 204 22.04 2.38 12.82
N VAL C 205 20.81 2.22 13.34
CA VAL C 205 19.59 2.66 12.67
C VAL C 205 19.01 3.81 13.48
N ASN C 206 18.89 4.98 12.86
CA ASN C 206 18.34 6.16 13.50
C ASN C 206 17.03 6.56 12.85
N HIS C 207 16.03 6.84 13.69
CA HIS C 207 14.70 7.27 13.29
C HIS C 207 14.36 8.49 14.15
N LYS C 208 14.83 9.65 13.70
CA LYS C 208 14.62 10.89 14.46
C LYS C 208 13.14 11.21 14.69
N PRO C 209 12.22 11.04 13.72
CA PRO C 209 10.81 11.35 14.02
C PRO C 209 10.26 10.69 15.27
N SER C 210 10.70 9.46 15.58
CA SER C 210 10.37 8.81 16.84
C SER C 210 11.49 8.99 17.86
N ASN C 211 12.53 9.75 17.51
CA ASN C 211 13.73 9.93 18.35
C ASN C 211 14.23 8.60 18.90
N THR C 212 14.34 7.59 18.03
CA THR C 212 14.79 6.27 18.44
C THR C 212 15.99 5.82 17.60
N LYS C 213 17.06 5.41 18.28
CA LYS C 213 18.25 4.88 17.65
C LYS C 213 18.58 3.50 18.22
N VAL C 214 18.74 2.53 17.34
CA VAL C 214 19.01 1.15 17.72
C VAL C 214 20.33 0.72 17.07
N ASP C 215 21.14 -0.03 17.77
CA ASP C 215 22.34 -0.59 17.22
C ASP C 215 22.30 -2.12 17.33
N LYS C 216 22.26 -2.85 16.24
CA LYS C 216 22.26 -4.28 16.28
C LYS C 216 23.52 -4.89 15.87
N LYS C 217 23.94 -5.85 16.62
CA LYS C 217 25.12 -6.58 16.29
C LYS C 217 24.73 -7.74 15.34
N VAL C 218 25.38 -7.85 14.21
CA VAL C 218 25.12 -8.93 13.31
C VAL C 218 26.01 -10.07 13.72
N GLU C 219 25.43 -11.07 14.31
CA GLU C 219 26.17 -12.18 14.79
C GLU C 219 26.06 -13.34 13.85
N PRO C 220 26.58 -14.48 14.24
CA PRO C 220 26.56 -15.73 13.51
C PRO C 220 25.18 -16.32 13.40
N PRO C 221 24.97 -17.15 12.39
CA PRO C 221 23.71 -17.85 12.18
C PRO C 221 23.50 -19.03 13.14
N VAL D 2 -14.16 22.43 -3.07
CA VAL D 2 -14.53 21.17 -2.41
C VAL D 2 -14.63 21.19 -0.92
N VAL D 3 -15.79 20.90 -0.38
CA VAL D 3 -16.01 20.91 1.05
C VAL D 3 -15.15 19.94 1.86
N ASN D 4 -14.62 20.33 2.99
CA ASN D 4 -13.94 19.40 3.82
C ASN D 4 -14.95 18.83 4.81
N GLN D 5 -15.14 17.50 4.84
CA GLN D 5 -16.07 16.68 5.68
C GLN D 5 -16.11 17.04 7.18
N GLN D 6 -14.97 16.99 7.74
CA GLN D 6 -14.51 17.53 9.03
C GLN D 6 -14.97 18.97 9.21
N GLY D 7 -14.49 19.56 8.57
N ALA E 1 -25.76 8.95 -9.97
CA ALA E 1 -25.03 7.72 -10.21
C ALA E 1 -24.24 7.79 -11.44
N LEU E 2 -23.06 7.25 -11.35
CA LEU E 2 -22.16 7.20 -12.41
C LEU E 2 -22.45 5.94 -13.18
N THR E 3 -22.21 6.01 -14.46
CA THR E 3 -22.47 4.91 -15.39
C THR E 3 -21.17 4.18 -15.69
N GLN E 4 -21.09 2.92 -15.28
CA GLN E 4 -20.04 1.99 -15.64
C GLN E 4 -20.64 0.82 -16.41
N PRO E 5 -19.90 0.26 -17.36
CA PRO E 5 -20.34 -0.99 -17.97
C PRO E 5 -20.38 -2.08 -16.93
N PRO E 6 -21.36 -2.98 -16.98
CA PRO E 6 -21.39 -4.05 -15.96
C PRO E 6 -20.20 -5.00 -16.05
N SER E 7 -19.65 -5.23 -17.24
CA SER E 7 -18.53 -6.16 -17.38
CA SER E 7 -18.53 -6.16 -17.37
C SER E 7 -17.56 -5.68 -18.45
N ALA E 8 -16.37 -6.26 -18.39
CA ALA E 8 -15.28 -6.02 -19.32
C ALA E 8 -14.32 -7.19 -19.19
N SER E 9 -13.47 -7.35 -20.20
CA SER E 9 -12.63 -8.53 -20.29
C SER E 9 -11.34 -8.18 -21.01
N GLY E 10 -10.27 -8.91 -20.67
CA GLY E 10 -9.01 -8.83 -21.37
C GLY E 10 -8.21 -10.10 -21.16
N SER E 11 -7.14 -10.23 -21.95
CA SER E 11 -6.22 -11.37 -21.85
C SER E 11 -5.03 -11.05 -20.96
N PRO E 12 -4.40 -12.08 -20.40
CA PRO E 12 -3.19 -11.86 -19.58
C PRO E 12 -2.12 -11.11 -20.37
N GLY E 13 -1.53 -10.11 -19.73
CA GLY E 13 -0.50 -9.31 -20.36
C GLY E 13 -1.02 -8.12 -21.12
N GLN E 14 -2.25 -8.19 -21.62
CA GLN E 14 -2.84 -7.10 -22.39
C GLN E 14 -3.34 -6.00 -21.44
N SER E 15 -3.79 -4.90 -21.67
CA SER E 15 -4.38 -3.74 -21.01
C SER E 15 -5.90 -3.73 -21.17
N VAL E 16 -6.66 -3.38 -20.32
CA VAL E 16 -8.10 -3.13 -20.32
C VAL E 16 -8.38 -1.72 -19.84
N THR E 17 -9.41 -1.09 -20.40
CA THR E 17 -9.83 0.24 -19.97
C THR E 17 -11.32 0.25 -19.66
N ILE E 18 -11.67 0.82 -18.52
CA ILE E 18 -13.02 0.85 -17.96
C ILE E 18 -13.45 2.31 -17.86
N SER E 19 -14.65 2.61 -18.33
CA SER E 19 -15.13 3.98 -18.30
C SER E 19 -16.08 4.21 -17.12
N CYS E 20 -16.24 5.48 -16.78
CA CYS E 20 -17.04 5.89 -15.64
C CYS E 20 -17.61 7.25 -16.01
N THR E 21 -18.86 7.26 -16.45
CA THR E 21 -19.44 8.47 -17.03
C THR E 21 -20.35 9.15 -16.02
N GLY E 22 -20.03 10.41 -15.71
CA GLY E 22 -20.85 11.23 -14.83
C GLY E 22 -21.30 12.50 -15.53
N THR E 23 -21.30 13.64 -14.82
CA THR E 23 -21.75 14.90 -15.38
C THR E 23 -20.77 16.00 -15.03
N SER E 24 -21.05 17.19 -15.56
CA SER E 24 -20.24 18.38 -15.28
C SER E 24 -20.28 18.79 -13.82
N SER E 25 -21.24 18.29 -13.04
CA SER E 25 -21.30 18.61 -11.62
C SER E 25 -20.60 17.58 -10.74
N ASP E 26 -19.94 16.59 -11.33
CA ASP E 26 -19.17 15.64 -10.54
C ASP E 26 -17.88 15.23 -11.25
N VAL E 27 -17.94 14.22 -12.12
CA VAL E 27 -16.73 13.73 -12.78
C VAL E 27 -16.08 14.84 -13.60
N GLY E 28 -16.89 15.59 -14.34
CA GLY E 28 -16.34 16.64 -15.18
C GLY E 28 -16.11 17.96 -14.48
N GLY E 29 -16.55 18.09 -13.22
CA GLY E 29 -16.43 19.34 -12.50
C GLY E 29 -15.32 19.40 -11.49
N TYR E 30 -14.87 18.24 -11.01
CA TYR E 30 -13.91 18.18 -9.91
C TYR E 30 -12.92 17.07 -10.18
N ASN E 31 -11.82 17.09 -9.43
CA ASN E 31 -10.74 16.12 -9.58
C ASN E 31 -10.68 15.19 -8.38
N TYR E 32 -11.83 14.76 -7.87
CA TYR E 32 -11.86 13.79 -6.79
C TYR E 32 -12.57 12.54 -7.26
N VAL E 33 -12.04 11.96 -8.33
CA VAL E 33 -12.52 10.69 -8.86
C VAL E 33 -11.66 9.59 -8.26
N SER E 34 -12.31 8.60 -7.67
CA SER E 34 -11.64 7.49 -7.02
C SER E 34 -12.04 6.21 -7.73
N TRP E 35 -11.14 5.23 -7.69
CA TRP E 35 -11.38 3.87 -8.19
C TRP E 35 -11.03 2.87 -7.11
N TYR E 36 -11.96 1.92 -6.89
CA TYR E 36 -11.88 0.89 -5.88
C TYR E 36 -11.98 -0.49 -6.53
N GLN E 37 -11.17 -1.42 -6.04
CA GLN E 37 -11.21 -2.82 -6.47
C GLN E 37 -11.77 -3.66 -5.33
N GLN E 38 -12.68 -4.58 -5.67
CA GLN E 38 -13.34 -5.42 -4.69
C GLN E 38 -13.40 -6.84 -5.22
N HIS E 39 -12.73 -7.76 -4.52
CA HIS E 39 -12.87 -9.19 -4.72
C HIS E 39 -14.09 -9.69 -3.93
N PRO E 40 -14.68 -10.81 -4.37
CA PRO E 40 -15.89 -11.31 -3.71
C PRO E 40 -15.72 -11.52 -2.21
N GLY E 41 -16.63 -10.94 -1.43
CA GLY E 41 -16.66 -11.12 0.01
C GLY E 41 -15.61 -10.39 0.82
N LYS E 42 -14.92 -9.41 0.24
CA LYS E 42 -13.94 -8.61 0.97
C LYS E 42 -14.29 -7.14 0.80
N ALA E 43 -13.71 -6.32 1.66
CA ALA E 43 -13.93 -4.89 1.57
C ALA E 43 -13.30 -4.34 0.29
N PRO E 44 -13.89 -3.28 -0.28
CA PRO E 44 -13.23 -2.61 -1.41
C PRO E 44 -11.87 -2.06 -1.03
N LYS E 45 -10.98 -2.00 -2.03
CA LYS E 45 -9.61 -1.53 -1.86
C LYS E 45 -9.37 -0.34 -2.78
N LEU E 46 -8.89 0.77 -2.20
CA LEU E 46 -8.57 1.94 -3.01
C LEU E 46 -7.39 1.64 -3.93
N ILE E 47 -7.55 1.93 -5.22
CA ILE E 47 -6.47 1.70 -6.16
C ILE E 47 -6.13 2.98 -6.92
N ILE E 48 -7.11 3.89 -7.07
CA ILE E 48 -6.82 5.19 -7.68
C ILE E 48 -7.56 6.27 -6.90
N TYR E 49 -6.89 7.38 -6.62
CA TYR E 49 -7.57 8.55 -6.07
C TYR E 49 -7.12 9.79 -6.83
N GLU E 50 -7.95 10.84 -6.73
CA GLU E 50 -7.73 12.10 -7.43
C GLU E 50 -7.42 11.86 -8.91
N VAL E 51 -8.22 10.97 -9.52
CA VAL E 51 -8.30 10.73 -10.95
C VAL E 51 -7.12 9.90 -11.44
N SER E 52 -5.90 10.22 -11.00
CA SER E 52 -4.72 9.57 -11.54
C SER E 52 -3.70 9.13 -10.51
N LYS E 53 -3.87 9.47 -9.24
CA LYS E 53 -2.82 9.21 -8.27
C LYS E 53 -3.03 7.84 -7.66
N ARG E 54 -1.96 7.17 -7.30
CA ARG E 54 -2.07 5.86 -6.74
C ARG E 54 -1.71 5.82 -5.29
N PRO E 55 -2.53 5.18 -4.43
CA PRO E 55 -2.15 5.00 -3.04
C PRO E 55 -1.00 4.05 -2.96
N SER E 56 -0.29 4.31 -1.93
CA SER E 56 0.85 3.52 -1.55
C SER E 56 0.53 2.02 -1.51
N GLY E 57 1.40 1.16 -2.15
CA GLY E 57 1.14 -0.28 -2.38
C GLY E 57 0.61 -0.67 -3.77
N VAL E 58 0.14 0.28 -4.57
CA VAL E 58 -0.48 0.01 -5.87
C VAL E 58 0.54 0.21 -6.98
N PRO E 59 0.80 -0.81 -7.81
CA PRO E 59 1.78 -0.67 -8.90
C PRO E 59 1.28 0.17 -10.07
N ASP E 60 2.26 0.54 -10.91
CA ASP E 60 2.06 1.39 -12.08
C ASP E 60 1.16 0.74 -13.15
N ARG E 61 0.90 -0.56 -13.05
CA ARG E 61 -0.05 -1.21 -13.96
C ARG E 61 -1.41 -0.53 -13.95
N PHE E 62 -1.81 0.03 -12.82
CA PHE E 62 -3.09 0.70 -12.68
C PHE E 62 -2.91 2.19 -12.95
N SER E 63 -3.71 2.74 -13.85
CA SER E 63 -3.63 4.16 -14.17
C SER E 63 -5.03 4.72 -14.35
N GLY E 64 -5.19 6.00 -14.03
CA GLY E 64 -6.47 6.66 -14.21
C GLY E 64 -6.32 7.99 -14.92
N SER E 65 -7.38 8.36 -15.65
CA SER E 65 -7.45 9.65 -16.33
C SER E 65 -8.91 10.04 -16.46
N LYS E 66 -9.17 11.21 -17.05
CA LYS E 66 -10.55 11.60 -17.35
C LYS E 66 -10.56 12.62 -18.49
N SER E 67 -11.68 12.69 -19.21
CA SER E 67 -11.89 13.74 -20.20
C SER E 67 -13.39 14.02 -20.25
N GLY E 68 -13.75 15.29 -20.30
CA GLY E 68 -15.15 15.68 -20.20
C GLY E 68 -15.76 15.12 -18.93
N ASN E 69 -16.87 14.42 -19.07
CA ASN E 69 -17.57 13.86 -17.93
C ASN E 69 -17.27 12.37 -17.74
N THR E 70 -16.26 11.84 -18.43
CA THR E 70 -15.96 10.41 -18.36
C THR E 70 -14.54 10.19 -17.86
N ALA E 71 -14.41 9.42 -16.78
CA ALA E 71 -13.14 9.01 -16.21
C ALA E 71 -12.84 7.58 -16.66
N SER E 72 -11.57 7.24 -16.67
CA SER E 72 -11.14 5.94 -17.19
C SER E 72 -10.07 5.33 -16.32
N LEU E 73 -10.23 4.03 -16.06
CA LEU E 73 -9.23 3.21 -15.39
C LEU E 73 -8.63 2.26 -16.41
N THR E 74 -7.30 2.24 -16.49
CA THR E 74 -6.57 1.33 -17.35
C THR E 74 -5.76 0.38 -16.49
N VAL E 75 -5.97 -0.92 -16.68
CA VAL E 75 -5.15 -1.95 -16.07
C VAL E 75 -4.27 -2.53 -17.17
N SER E 76 -2.97 -2.22 -17.09
CA SER E 76 -1.95 -2.79 -17.95
C SER E 76 -1.42 -4.09 -17.35
N GLY E 77 -0.84 -4.94 -18.22
CA GLY E 77 -0.17 -6.14 -17.77
C GLY E 77 -1.07 -7.07 -16.97
N LEU E 78 -2.26 -7.34 -17.52
CA LEU E 78 -3.32 -8.02 -16.78
C LEU E 78 -2.84 -9.34 -16.20
N GLN E 79 -3.16 -9.56 -14.92
CA GLN E 79 -2.90 -10.82 -14.24
C GLN E 79 -4.19 -11.40 -13.67
N ALA E 80 -4.15 -12.70 -13.36
CA ALA E 80 -5.34 -13.39 -12.87
C ALA E 80 -5.91 -12.72 -11.62
N GLU E 81 -5.05 -12.22 -10.74
CA GLU E 81 -5.52 -11.55 -9.52
C GLU E 81 -6.33 -10.30 -9.83
N ASP E 82 -6.21 -9.75 -11.04
CA ASP E 82 -6.95 -8.54 -11.41
C ASP E 82 -8.43 -8.80 -11.63
N GLU E 83 -8.82 -10.06 -11.84
CA GLU E 83 -10.22 -10.40 -12.04
C GLU E 83 -11.02 -10.02 -10.80
N ALA E 84 -11.92 -9.03 -10.94
CA ALA E 84 -12.58 -8.48 -9.76
C ALA E 84 -13.60 -7.42 -10.15
N ASP E 85 -14.31 -6.86 -9.17
CA ASP E 85 -15.23 -5.77 -9.41
C ASP E 85 -14.55 -4.41 -9.19
N TYR E 86 -14.85 -3.45 -10.06
CA TYR E 86 -14.24 -2.14 -9.97
C TYR E 86 -15.31 -1.05 -9.91
N TYR E 87 -15.24 -0.20 -8.91
CA TYR E 87 -16.20 0.87 -8.70
C TYR E 87 -15.50 2.22 -8.77
N CYS E 88 -16.03 3.13 -9.58
CA CYS E 88 -15.61 4.52 -9.52
C CYS E 88 -16.50 5.32 -8.57
N SER E 89 -15.97 6.46 -8.11
CA SER E 89 -16.72 7.37 -7.25
C SER E 89 -16.26 8.80 -7.53
N SER E 90 -17.14 9.75 -7.25
CA SER E 90 -16.77 11.16 -7.40
C SER E 90 -17.55 12.04 -6.43
N TYR E 91 -16.88 13.14 -6.05
CA TYR E 91 -17.52 14.25 -5.37
C TYR E 91 -18.52 14.92 -6.30
N THR E 92 -19.54 15.56 -5.70
CA THR E 92 -20.53 16.30 -6.47
C THR E 92 -20.64 17.72 -5.93
N SER E 93 -21.08 18.63 -6.80
CA SER E 93 -21.31 20.01 -6.39
C SER E 93 -22.35 20.12 -5.28
N SER E 94 -23.19 19.10 -5.09
CA SER E 94 -24.07 19.03 -3.93
C SER E 94 -23.33 18.64 -2.66
N SER E 95 -22.00 18.53 -2.72
CA SER E 95 -21.20 18.12 -1.57
C SER E 95 -21.62 16.73 -1.10
N THR E 96 -21.75 15.81 -2.06
CA THR E 96 -22.05 14.40 -1.79
C THR E 96 -21.03 13.54 -2.53
N LEU E 97 -21.12 12.24 -2.32
CA LEU E 97 -20.35 11.28 -3.09
C LEU E 97 -21.31 10.38 -3.84
N VAL E 98 -20.99 10.11 -5.11
CA VAL E 98 -21.75 9.14 -5.90
C VAL E 98 -20.79 8.06 -6.38
N PHE E 99 -21.29 6.82 -6.44
CA PHE E 99 -20.59 5.67 -6.97
C PHE E 99 -21.14 5.32 -8.34
N GLY E 100 -20.28 4.72 -9.19
CA GLY E 100 -20.78 3.97 -10.31
C GLY E 100 -21.26 2.59 -9.89
N GLY E 101 -21.99 1.94 -10.79
CA GLY E 101 -22.56 0.63 -10.50
C GLY E 101 -21.56 -0.50 -10.47
N GLY E 102 -20.34 -0.27 -10.93
CA GLY E 102 -19.30 -1.29 -10.87
C GLY E 102 -19.16 -2.08 -12.17
N THR E 103 -17.92 -2.47 -12.47
CA THR E 103 -17.59 -3.22 -13.67
C THR E 103 -16.87 -4.49 -13.25
N LYS E 104 -17.44 -5.64 -13.59
CA LYS E 104 -16.83 -6.92 -13.29
C LYS E 104 -15.84 -7.24 -14.40
N LEU E 105 -14.56 -7.24 -14.07
CA LEU E 105 -13.51 -7.53 -15.03
C LEU E 105 -13.13 -9.00 -14.93
N THR E 106 -13.26 -9.69 -16.06
CA THR E 106 -12.90 -11.10 -16.22
C THR E 106 -11.59 -11.18 -17.00
N VAL E 107 -10.68 -12.02 -16.53
CA VAL E 107 -9.43 -12.29 -17.24
C VAL E 107 -9.61 -13.60 -18.00
N LEU E 108 -9.40 -13.55 -19.31
CA LEU E 108 -9.74 -14.66 -20.18
C LEU E 108 -8.58 -15.64 -20.25
N GLY E 109 -8.70 -16.64 -21.13
CA GLY E 109 -7.62 -17.57 -21.36
C GLY E 109 -7.59 -18.77 -20.44
N GLN E 110 -8.49 -18.86 -19.47
CA GLN E 110 -8.49 -20.01 -18.58
C GLN E 110 -8.78 -21.27 -19.38
N PRO E 111 -7.99 -22.32 -19.23
CA PRO E 111 -8.25 -23.56 -19.97
C PRO E 111 -9.36 -24.39 -19.32
N LYS E 112 -9.94 -25.26 -20.14
CA LYS E 112 -10.87 -26.26 -19.63
C LYS E 112 -10.20 -27.07 -18.53
N ALA E 113 -10.88 -27.23 -17.41
CA ALA E 113 -10.36 -28.01 -16.29
C ALA E 113 -11.45 -28.87 -15.69
N ALA E 114 -11.15 -30.16 -15.47
CA ALA E 114 -12.05 -31.11 -14.86
C ALA E 114 -12.14 -30.85 -13.36
N PRO E 115 -13.28 -31.16 -12.74
CA PRO E 115 -13.42 -30.95 -11.29
C PRO E 115 -12.60 -31.92 -10.46
N SER E 116 -12.04 -31.41 -9.37
CA SER E 116 -11.55 -32.24 -8.28
C SER E 116 -12.68 -32.44 -7.28
N VAL E 117 -12.83 -33.68 -6.81
CA VAL E 117 -13.94 -34.06 -5.94
C VAL E 117 -13.38 -34.69 -4.66
N THR E 118 -13.84 -34.19 -3.51
CA THR E 118 -13.60 -34.79 -2.21
C THR E 118 -14.93 -35.15 -1.60
N LEU E 119 -15.06 -36.36 -1.07
CA LEU E 119 -16.33 -36.83 -0.51
C LEU E 119 -16.10 -37.34 0.89
N PHE E 120 -16.81 -36.76 1.87
CA PHE E 120 -16.75 -37.16 3.27
C PHE E 120 -18.02 -37.90 3.68
N PRO E 121 -17.85 -38.99 4.43
CA PRO E 121 -18.99 -39.71 4.99
C PRO E 121 -19.48 -39.02 6.26
N PRO E 122 -20.61 -39.44 6.82
CA PRO E 122 -21.02 -38.88 8.10
C PRO E 122 -20.00 -39.19 9.18
N SER E 123 -19.80 -38.22 10.07
CA SER E 123 -18.94 -38.40 11.22
C SER E 123 -19.64 -39.25 12.29
N SER E 124 -18.84 -39.92 13.11
CA SER E 124 -19.32 -40.51 14.35
C SER E 124 -20.31 -39.59 15.05
N GLU E 125 -19.82 -38.37 15.34
CA GLU E 125 -20.57 -37.41 16.14
C GLU E 125 -21.93 -37.07 15.52
N GLU E 126 -22.01 -36.96 14.19
CA GLU E 126 -23.30 -36.59 13.61
C GLU E 126 -24.27 -37.76 13.61
N LEU E 127 -23.77 -38.98 13.39
CA LEU E 127 -24.62 -40.16 13.49
C LEU E 127 -25.22 -40.27 14.88
N GLN E 128 -24.40 -40.03 15.89
CA GLN E 128 -24.84 -40.01 17.26
C GLN E 128 -25.99 -39.06 17.50
N ALA E 129 -26.07 -37.94 16.80
CA ALA E 129 -27.18 -37.01 16.89
C ALA E 129 -28.32 -37.30 15.90
N ASN E 130 -28.43 -38.55 15.49
CA ASN E 130 -29.40 -39.09 14.57
C ASN E 130 -29.59 -38.35 13.30
N LYS E 131 -28.47 -37.93 12.76
CA LYS E 131 -28.36 -37.19 11.56
C LYS E 131 -27.17 -37.74 10.75
N ALA E 132 -27.23 -37.59 9.45
CA ALA E 132 -26.16 -38.02 8.63
C ALA E 132 -26.10 -37.15 7.40
N THR E 133 -24.95 -36.68 7.08
CA THR E 133 -24.71 -35.81 5.93
C THR E 133 -23.51 -36.33 5.17
N LEU E 134 -23.73 -36.67 3.90
CA LEU E 134 -22.65 -36.91 2.95
C LEU E 134 -22.25 -35.57 2.35
N VAL E 135 -20.94 -35.30 2.31
CA VAL E 135 -20.42 -34.00 1.89
C VAL E 135 -19.55 -34.16 0.65
N CYS E 136 -19.96 -33.55 -0.46
CA CYS E 136 -19.27 -33.65 -1.74
C CYS E 136 -18.76 -32.26 -2.11
N LEU E 137 -17.45 -32.07 -2.08
CA LEU E 137 -16.80 -30.79 -2.35
C LEU E 137 -16.11 -30.83 -3.71
N ILE E 138 -16.41 -29.86 -4.56
CA ILE E 138 -16.02 -29.84 -5.97
C ILE E 138 -15.26 -28.55 -6.25
N SER E 139 -14.07 -28.67 -6.82
CA SER E 139 -13.24 -27.47 -6.95
C SER E 139 -12.40 -27.53 -8.20
N ASP E 140 -11.89 -26.36 -8.57
CA ASP E 140 -10.89 -26.20 -9.64
C ASP E 140 -11.40 -26.65 -11.00
N PHE E 141 -12.68 -26.47 -11.29
CA PHE E 141 -13.18 -26.80 -12.62
C PHE E 141 -13.48 -25.51 -13.38
N TYR E 142 -13.51 -25.65 -14.71
CA TYR E 142 -13.79 -24.53 -15.60
C TYR E 142 -14.20 -25.10 -16.94
N PRO E 143 -15.26 -24.58 -17.58
CA PRO E 143 -16.15 -23.47 -17.21
C PRO E 143 -17.04 -23.78 -16.00
N GLY E 144 -17.76 -22.77 -15.52
CA GLY E 144 -18.55 -22.91 -14.31
C GLY E 144 -19.86 -23.63 -14.46
N ALA E 145 -19.86 -24.81 -15.09
CA ALA E 145 -21.08 -25.60 -15.22
C ALA E 145 -20.78 -27.03 -14.81
N VAL E 146 -21.60 -27.57 -13.90
CA VAL E 146 -21.45 -28.93 -13.42
C VAL E 146 -22.85 -29.50 -13.19
N THR E 147 -22.95 -30.82 -13.27
CA THR E 147 -24.13 -31.55 -12.84
C THR E 147 -23.70 -32.54 -11.78
N VAL E 148 -24.50 -32.68 -10.72
CA VAL E 148 -24.18 -33.56 -9.62
C VAL E 148 -25.29 -34.59 -9.47
N ALA E 149 -24.90 -35.85 -9.28
CA ALA E 149 -25.83 -36.95 -9.06
C ALA E 149 -25.37 -37.78 -7.87
N TRP E 150 -26.33 -38.25 -7.08
CA TRP E 150 -26.04 -39.12 -5.95
C TRP E 150 -26.59 -40.51 -6.21
N LYS E 151 -25.84 -41.53 -5.80
CA LYS E 151 -26.26 -42.93 -5.95
C LYS E 151 -26.21 -43.63 -4.60
N ALA E 152 -27.26 -44.42 -4.29
CA ALA E 152 -27.42 -45.11 -3.01
C ALA E 152 -26.71 -46.45 -2.97
N ASP E 153 -26.70 -47.15 -4.10
CA ASP E 153 -25.76 -48.24 -4.34
C ASP E 153 -25.30 -48.03 -5.78
N SER E 154 -26.25 -48.28 -6.68
CA SER E 154 -26.17 -48.03 -8.11
C SER E 154 -27.51 -47.45 -8.54
N SER E 155 -28.27 -46.91 -7.59
CA SER E 155 -29.60 -46.41 -7.78
C SER E 155 -29.58 -44.91 -7.51
N PRO E 156 -30.29 -44.10 -8.30
CA PRO E 156 -30.28 -42.66 -8.04
C PRO E 156 -30.83 -42.37 -6.64
N VAL E 157 -30.38 -41.25 -6.09
CA VAL E 157 -30.97 -40.72 -4.86
C VAL E 157 -31.25 -39.26 -5.13
N LYS E 158 -32.44 -38.79 -4.70
CA LYS E 158 -32.82 -37.42 -5.01
C LYS E 158 -33.49 -36.68 -3.88
N ALA E 159 -33.92 -37.40 -2.86
CA ALA E 159 -34.45 -36.75 -1.67
C ALA E 159 -33.30 -36.33 -0.76
N GLY E 160 -33.44 -35.14 -0.18
CA GLY E 160 -32.44 -34.65 0.73
C GLY E 160 -31.13 -34.27 0.09
N VAL E 161 -31.16 -33.84 -1.17
CA VAL E 161 -29.98 -33.32 -1.85
C VAL E 161 -30.05 -31.80 -1.85
N GLU E 162 -28.92 -31.16 -1.53
CA GLU E 162 -28.79 -29.71 -1.61
C GLU E 162 -27.49 -29.40 -2.32
N THR E 163 -27.57 -28.65 -3.42
CA THR E 163 -26.41 -28.39 -4.25
C THR E 163 -26.31 -26.90 -4.52
N THR E 164 -25.12 -26.35 -4.29
CA THR E 164 -24.90 -24.94 -4.56
C THR E 164 -24.82 -24.69 -6.07
N THR E 165 -24.93 -23.47 -6.42
CA THR E 165 -24.56 -23.09 -7.77
C THR E 165 -23.07 -22.76 -7.83
N PRO E 166 -22.41 -23.04 -8.95
CA PRO E 166 -20.97 -22.78 -9.02
C PRO E 166 -20.67 -21.30 -8.78
N SER E 167 -19.58 -21.04 -8.07
CA SER E 167 -19.07 -19.70 -7.86
C SER E 167 -17.57 -19.68 -8.11
N LYS E 168 -17.06 -18.50 -8.46
CA LYS E 168 -15.63 -18.35 -8.71
C LYS E 168 -14.83 -18.43 -7.42
N GLN E 169 -13.69 -19.12 -7.50
CA GLN E 169 -12.72 -19.18 -6.43
C GLN E 169 -11.73 -18.00 -6.59
N SER E 170 -10.72 -17.95 -5.72
CA SER E 170 -9.73 -16.88 -5.79
C SER E 170 -8.72 -17.10 -6.90
N ASN E 171 -8.75 -18.26 -7.54
CA ASN E 171 -7.90 -18.60 -8.68
C ASN E 171 -8.66 -18.50 -9.99
N ASN E 172 -9.81 -17.83 -10.00
CA ASN E 172 -10.73 -17.69 -11.13
C ASN E 172 -11.25 -19.02 -11.69
N LYS E 173 -11.02 -20.15 -11.02
CA LYS E 173 -11.75 -21.36 -11.34
C LYS E 173 -12.96 -21.50 -10.43
N TYR E 174 -13.73 -22.56 -10.63
CA TYR E 174 -15.03 -22.68 -10.00
C TYR E 174 -15.08 -23.76 -8.94
N ALA E 175 -16.02 -23.59 -8.02
CA ALA E 175 -16.28 -24.51 -6.93
C ALA E 175 -17.79 -24.72 -6.77
N ALA E 176 -18.13 -25.86 -6.20
CA ALA E 176 -19.49 -26.16 -5.82
C ALA E 176 -19.44 -27.19 -4.69
N SER E 177 -20.57 -27.38 -4.03
CA SER E 177 -20.67 -28.39 -3.00
C SER E 177 -22.08 -28.97 -3.02
N SER E 178 -22.17 -30.25 -2.68
CA SER E 178 -23.44 -30.96 -2.71
C SER E 178 -23.54 -31.82 -1.46
N TYR E 179 -24.71 -31.83 -0.84
CA TYR E 179 -24.92 -32.46 0.44
C TYR E 179 -26.09 -33.42 0.32
N LEU E 180 -25.88 -34.65 0.77
CA LEU E 180 -26.95 -35.65 0.81
C LEU E 180 -27.28 -35.92 2.27
N SER E 181 -28.51 -35.62 2.66
CA SER E 181 -28.93 -35.87 4.03
C SER E 181 -29.61 -37.24 4.12
N LEU E 182 -29.24 -38.02 5.12
CA LEU E 182 -29.70 -39.39 5.31
C LEU E 182 -30.00 -39.62 6.77
N THR E 183 -30.95 -40.51 7.05
CA THR E 183 -31.02 -41.13 8.36
C THR E 183 -29.81 -42.03 8.54
N PRO E 184 -29.42 -42.30 9.79
CA PRO E 184 -28.42 -43.36 10.02
C PRO E 184 -28.78 -44.69 9.38
N GLU E 185 -30.06 -44.97 9.33
CA GLU E 185 -30.58 -46.17 8.75
C GLU E 185 -30.43 -46.06 7.27
N GLN E 186 -30.85 -44.97 6.59
CA GLN E 186 -30.57 -44.74 5.18
C GLN E 186 -29.09 -45.05 4.90
N TRP E 187 -28.21 -44.86 5.87
CA TRP E 187 -26.74 -45.05 5.73
C TRP E 187 -26.07 -46.40 5.97
N LYS E 188 -26.41 -47.09 7.03
CA LYS E 188 -25.78 -48.33 7.32
C LYS E 188 -26.40 -49.48 6.55
N SER E 189 -27.59 -49.27 6.03
CA SER E 189 -28.32 -50.26 5.31
C SER E 189 -28.12 -50.26 3.80
N HIS E 190 -27.02 -49.68 3.38
CA HIS E 190 -26.68 -49.63 2.02
C HIS E 190 -25.19 -49.94 1.98
N ARG E 191 -24.77 -50.50 0.91
CA ARG E 191 -23.40 -50.85 0.77
C ARG E 191 -22.51 -49.67 0.53
N SER E 192 -22.97 -48.67 -0.23
CA SER E 192 -22.05 -47.61 -0.59
C SER E 192 -22.86 -46.46 -1.14
N TYR E 193 -22.38 -45.24 -0.91
CA TYR E 193 -22.98 -44.06 -1.51
C TYR E 193 -21.95 -43.38 -2.38
N SER E 194 -22.40 -42.81 -3.50
CA SER E 194 -21.49 -42.21 -4.46
C SER E 194 -21.97 -40.82 -4.85
N CYS E 195 -21.01 -39.94 -5.08
CA CYS E 195 -21.23 -38.61 -5.64
C CYS E 195 -20.55 -38.57 -7.00
N GLN E 196 -21.31 -38.22 -8.03
CA GLN E 196 -20.84 -38.21 -9.41
C GLN E 196 -21.02 -36.80 -9.97
N VAL E 197 -19.92 -36.24 -10.46
CA VAL E 197 -19.90 -34.87 -10.95
C VAL E 197 -19.60 -34.92 -12.45
N THR E 198 -20.56 -34.46 -13.25
CA THR E 198 -20.40 -34.40 -14.69
C THR E 198 -20.06 -32.97 -15.10
N HIS E 199 -19.06 -32.85 -15.97
CA HIS E 199 -18.51 -31.59 -16.43
C HIS E 199 -18.06 -31.80 -17.87
N GLU E 200 -18.68 -31.02 -18.77
CA GLU E 200 -18.47 -31.09 -20.23
C GLU E 200 -18.55 -32.54 -20.69
N GLY E 201 -19.60 -33.24 -20.24
CA GLY E 201 -19.90 -34.58 -20.64
C GLY E 201 -19.11 -35.69 -19.97
N SER E 202 -18.10 -35.37 -19.17
CA SER E 202 -17.28 -36.38 -18.53
C SER E 202 -17.45 -36.31 -17.01
N THR E 203 -17.33 -37.47 -16.36
CA THR E 203 -17.76 -37.61 -14.98
C THR E 203 -16.62 -38.03 -14.08
N VAL E 204 -16.60 -37.45 -12.88
CA VAL E 204 -15.72 -37.84 -11.78
C VAL E 204 -16.59 -38.45 -10.68
N GLU E 205 -16.22 -39.64 -10.22
CA GLU E 205 -17.05 -40.38 -9.27
C GLU E 205 -16.26 -40.67 -8.00
N LYS E 206 -16.88 -40.44 -6.85
CA LYS E 206 -16.30 -40.78 -5.56
C LYS E 206 -17.30 -41.63 -4.78
N THR E 207 -16.78 -42.57 -4.00
CA THR E 207 -17.62 -43.50 -3.26
C THR E 207 -17.14 -43.63 -1.82
N VAL E 208 -18.10 -43.65 -0.89
CA VAL E 208 -17.82 -43.90 0.51
C VAL E 208 -18.75 -45.01 0.96
N ALA E 209 -18.33 -45.74 1.98
CA ALA E 209 -19.10 -46.88 2.49
C ALA E 209 -19.10 -46.84 4.01
N PRO E 210 -20.15 -47.39 4.65
CA PRO E 210 -20.23 -47.40 6.11
C PRO E 210 -19.15 -48.25 6.77
N PCA F 1 -0.17 0.94 11.33
CA PCA F 1 -1.16 0.87 10.32
CB PCA F 1 -1.11 -0.62 10.09
CG PCA F 1 -0.42 -1.33 11.21
CD PCA F 1 0.19 -0.18 11.88
OE PCA F 1 0.90 -0.30 12.79
C PCA F 1 -2.60 1.28 10.62
O PCA F 1 -3.06 0.82 11.64
N VAL F 2 -3.23 2.16 9.84
CA VAL F 2 -4.66 2.42 9.98
C VAL F 2 -5.45 1.13 9.90
N GLN F 3 -6.35 0.94 10.87
CA GLN F 3 -7.26 -0.21 10.85
C GLN F 3 -8.62 0.19 11.40
N LEU F 4 -9.67 -0.28 10.76
CA LEU F 4 -11.05 -0.07 11.19
C LEU F 4 -11.69 -1.43 11.41
N VAL F 5 -12.17 -1.68 12.63
CA VAL F 5 -12.74 -2.97 13.00
C VAL F 5 -14.21 -2.76 13.32
N GLN F 6 -15.08 -3.49 12.63
CA GLN F 6 -16.52 -3.30 12.77
C GLN F 6 -17.12 -4.38 13.67
N SER F 7 -18.29 -4.08 14.20
CA SER F 7 -19.01 -5.02 15.03
C SER F 7 -19.49 -6.21 14.18
N GLY F 8 -19.94 -7.26 14.86
CA GLY F 8 -20.28 -8.48 14.16
C GLY F 8 -21.61 -8.37 13.44
N SER F 9 -21.74 -9.19 12.39
CA SER F 9 -22.99 -9.23 11.63
C SER F 9 -24.15 -9.61 12.53
N GLU F 10 -25.34 -9.10 12.19
CA GLU F 10 -26.50 -9.30 13.04
C GLU F 10 -27.75 -9.60 12.23
N LEU F 11 -28.64 -10.38 12.84
CA LEU F 11 -29.98 -10.59 12.33
C LEU F 11 -30.98 -9.78 13.15
N LYS F 12 -31.90 -9.11 12.47
CA LYS F 12 -32.95 -8.34 13.12
C LYS F 12 -34.25 -8.50 12.35
N LYS F 13 -35.37 -8.45 13.06
CA LYS F 13 -36.65 -8.61 12.40
C LYS F 13 -37.16 -7.27 11.87
N PRO F 14 -38.10 -7.29 10.92
CA PRO F 14 -38.59 -6.03 10.36
C PRO F 14 -39.18 -5.11 11.41
N GLY F 15 -38.92 -3.81 11.25
CA GLY F 15 -39.31 -2.80 12.20
C GLY F 15 -38.40 -2.59 13.39
N ALA F 16 -37.44 -3.48 13.64
CA ALA F 16 -36.49 -3.32 14.73
C ALA F 16 -35.38 -2.32 14.37
N SER F 17 -34.45 -2.14 15.29
CA SER F 17 -33.29 -1.26 15.15
C SER F 17 -32.00 -2.06 15.24
N VAL F 18 -30.92 -1.51 14.69
CA VAL F 18 -29.61 -2.14 14.81
C VAL F 18 -28.54 -1.05 14.90
N ARG F 19 -27.50 -1.30 15.69
CA ARG F 19 -26.39 -0.38 15.81
C ARG F 19 -25.07 -1.09 15.49
N ILE F 20 -24.30 -0.50 14.58
CA ILE F 20 -23.04 -1.03 14.11
C ILE F 20 -21.93 -0.10 14.57
N SER F 21 -20.87 -0.67 15.12
CA SER F 21 -19.75 0.13 15.61
C SER F 21 -18.55 -0.08 14.72
N CYS F 22 -17.70 0.95 14.67
CA CYS F 22 -16.52 0.98 13.81
C CYS F 22 -15.41 1.62 14.62
N LYS F 23 -14.50 0.80 15.14
CA LYS F 23 -13.43 1.24 16.02
C LYS F 23 -12.15 1.41 15.22
N ALA F 24 -11.56 2.61 15.31
CA ALA F 24 -10.38 2.99 14.55
C ALA F 24 -9.12 2.83 15.39
N SER F 25 -8.06 2.34 14.76
CA SER F 25 -6.76 2.17 15.38
C SER F 25 -5.68 2.67 14.42
N GLY F 26 -4.57 3.15 14.99
CA GLY F 26 -3.40 3.50 14.21
C GLY F 26 -3.31 4.94 13.77
N TYR F 27 -4.26 5.79 14.14
CA TYR F 27 -4.20 7.21 13.78
C TYR F 27 -5.06 7.99 14.76
N SER F 28 -4.97 9.31 14.65
CA SER F 28 -5.76 10.19 15.52
C SER F 28 -7.17 10.21 14.96
N PHE F 29 -8.06 9.49 15.65
CA PHE F 29 -9.45 9.33 15.24
C PHE F 29 -10.09 10.64 14.84
N THR F 30 -9.94 11.69 15.68
CA THR F 30 -10.60 12.97 15.42
C THR F 30 -9.95 13.78 14.30
N SER F 31 -9.03 13.24 13.50
CA SER F 31 -8.39 14.03 12.46
C SER F 31 -9.06 13.91 11.10
N LEU F 32 -9.83 12.85 10.88
CA LEU F 32 -10.40 12.55 9.57
C LEU F 32 -11.85 12.11 9.71
N SER F 33 -12.66 12.50 8.73
CA SER F 33 -14.07 12.13 8.68
C SER F 33 -14.24 10.62 8.58
N MET F 34 -15.44 10.15 8.94
CA MET F 34 -15.83 8.76 8.71
C MET F 34 -17.09 8.73 7.84
N ASN F 35 -17.07 7.91 6.78
CA ASN F 35 -18.19 7.71 5.88
C ASN F 35 -18.83 6.35 6.12
N TRP F 36 -20.06 6.21 5.64
CA TRP F 36 -20.77 4.93 5.68
C TRP F 36 -21.22 4.53 4.28
N VAL F 37 -21.05 3.26 3.95
CA VAL F 37 -21.35 2.73 2.62
C VAL F 37 -22.14 1.43 2.76
N ARG F 38 -23.16 1.27 1.94
CA ARG F 38 -24.00 0.09 1.96
C ARG F 38 -23.81 -0.72 0.67
N GLN F 39 -23.85 -2.04 0.80
CA GLN F 39 -23.80 -2.94 -0.36
C GLN F 39 -24.80 -4.06 -0.11
N ALA F 40 -25.95 -3.99 -0.78
CA ALA F 40 -26.91 -5.08 -0.74
C ALA F 40 -26.32 -6.29 -1.49
N PRO F 41 -26.71 -7.51 -1.12
CA PRO F 41 -26.07 -8.69 -1.72
C PRO F 41 -26.24 -8.71 -3.23
N GLY F 42 -25.14 -8.97 -3.93
CA GLY F 42 -25.08 -8.94 -5.38
C GLY F 42 -25.16 -7.57 -6.01
N GLN F 43 -25.21 -6.49 -5.23
CA GLN F 43 -25.39 -5.15 -5.79
C GLN F 43 -24.12 -4.31 -5.56
N GLY F 44 -24.22 -3.02 -5.90
CA GLY F 44 -23.08 -2.12 -5.84
C GLY F 44 -23.00 -1.31 -4.54
N LEU F 45 -21.98 -0.45 -4.50
CA LEU F 45 -21.80 0.45 -3.36
C LEU F 45 -22.77 1.63 -3.41
N GLU F 46 -23.34 1.96 -2.26
CA GLU F 46 -24.18 3.15 -2.13
C GLU F 46 -23.68 3.97 -0.96
N TRP F 47 -23.40 5.24 -1.22
CA TRP F 47 -22.93 6.14 -0.19
C TRP F 47 -24.07 6.51 0.75
N MET F 48 -23.83 6.37 2.06
CA MET F 48 -24.87 6.70 3.03
C MET F 48 -24.71 8.09 3.63
N GLY F 49 -23.47 8.59 3.75
CA GLY F 49 -23.21 9.89 4.32
C GLY F 49 -21.92 9.88 5.09
N TRP F 50 -21.70 10.95 5.87
CA TRP F 50 -20.46 11.08 6.62
C TRP F 50 -20.73 11.74 7.97
N ILE F 51 -19.78 11.55 8.88
CA ILE F 51 -19.77 12.24 10.15
C ILE F 51 -18.38 12.83 10.35
N SER F 52 -18.35 14.09 10.78
CA SER F 52 -17.12 14.77 11.17
C SER F 52 -16.71 14.31 12.56
N THR F 53 -15.50 13.79 12.69
CA THR F 53 -14.99 13.44 14.01
C THR F 53 -14.48 14.65 14.79
N LYS F 54 -14.48 15.84 14.18
CA LYS F 54 -14.11 17.05 14.91
C LYS F 54 -15.32 17.70 15.57
N SER F 55 -16.42 17.84 14.84
CA SER F 55 -17.64 18.46 15.37
C SER F 55 -18.67 17.46 15.86
N GLY F 56 -18.67 16.24 15.31
CA GLY F 56 -19.76 15.33 15.54
C GLY F 56 -20.95 15.53 14.64
N ASP F 57 -20.92 16.55 13.77
CA ASP F 57 -22.06 16.80 12.91
C ASP F 57 -22.16 15.70 11.86
N PRO F 58 -23.32 15.07 11.70
CA PRO F 58 -23.48 14.12 10.60
C PRO F 58 -24.10 14.81 9.41
N THR F 59 -23.87 14.26 8.22
CA THR F 59 -24.54 14.69 7.01
C THR F 59 -25.00 13.42 6.31
N TYR F 60 -26.28 13.34 6.02
CA TYR F 60 -26.87 12.13 5.49
C TYR F 60 -27.11 12.31 4.01
N ALA F 61 -26.79 11.27 3.25
CA ALA F 61 -27.24 11.20 1.87
C ALA F 61 -28.76 11.18 1.85
N GLN F 62 -29.32 11.71 0.76
CA GLN F 62 -30.76 11.88 0.64
C GLN F 62 -31.50 10.57 0.83
N ALA F 63 -30.97 9.48 0.27
CA ALA F 63 -31.64 8.19 0.37
C ALA F 63 -31.56 7.58 1.76
N PHE F 64 -30.76 8.17 2.66
CA PHE F 64 -30.53 7.60 3.99
C PHE F 64 -30.88 8.61 5.08
N THR F 65 -31.90 9.42 4.82
CA THR F 65 -32.52 10.31 5.79
C THR F 65 -33.64 9.58 6.52
N GLY F 66 -34.26 10.26 7.48
CA GLY F 66 -35.40 9.72 8.19
C GLY F 66 -35.17 8.69 9.29
N ARG F 67 -34.54 7.56 8.97
CA ARG F 67 -34.40 6.46 9.90
C ARG F 67 -32.97 6.21 10.41
N PHE F 68 -31.96 6.93 9.92
CA PHE F 68 -30.56 6.58 10.15
C PHE F 68 -29.86 7.61 11.02
N VAL F 69 -29.03 7.14 11.96
CA VAL F 69 -28.29 8.04 12.84
C VAL F 69 -26.80 7.70 12.83
N PHE F 70 -25.97 8.67 12.48
CA PHE F 70 -24.52 8.58 12.68
C PHE F 70 -24.17 9.24 14.01
N SER F 71 -23.33 8.58 14.82
CA SER F 71 -22.94 9.14 16.11
C SER F 71 -21.49 8.75 16.41
N LEU F 72 -20.95 9.28 17.51
CA LEU F 72 -19.56 9.03 17.87
C LEU F 72 -19.39 8.81 19.36
N ASP F 73 -18.42 7.96 19.70
CA ASP F 73 -17.81 7.92 21.03
C ASP F 73 -16.31 8.11 20.81
N THR F 74 -15.88 9.35 20.98
CA THR F 74 -14.48 9.69 20.77
C THR F 74 -13.57 9.03 21.79
N SER F 75 -14.06 8.84 23.01
CA SER F 75 -13.22 8.31 24.07
C SER F 75 -12.80 6.87 23.81
N VAL F 76 -13.51 6.14 22.95
CA VAL F 76 -13.09 4.81 22.54
C VAL F 76 -12.85 4.75 21.03
N ASN F 77 -12.61 5.90 20.40
CA ASN F 77 -12.26 6.01 18.99
C ASN F 77 -13.23 5.24 18.10
N THR F 78 -14.53 5.45 18.31
CA THR F 78 -15.52 4.63 17.64
C THR F 78 -16.63 5.47 17.01
N ALA F 79 -17.02 5.09 15.79
CA ALA F 79 -18.17 5.65 15.09
C ALA F 79 -19.32 4.64 15.09
N TYR F 80 -20.55 5.15 15.16
CA TYR F 80 -21.72 4.30 15.22
C TYR F 80 -22.73 4.64 14.13
N LEU F 81 -23.29 3.59 13.55
CA LEU F 81 -24.42 3.69 12.62
C LEU F 81 -25.61 2.98 13.24
N GLN F 82 -26.71 3.70 13.43
CA GLN F 82 -27.95 3.08 13.87
C GLN F 82 -28.95 3.14 12.72
N ILE F 83 -29.56 2.00 12.42
CA ILE F 83 -30.62 1.90 11.42
C ILE F 83 -31.91 1.58 12.16
N ASN F 84 -32.93 2.39 11.94
CA ASN F 84 -34.21 2.23 12.61
C ASN F 84 -35.28 1.83 11.62
N SER F 85 -36.35 1.26 12.17
CA SER F 85 -37.50 0.83 11.39
C SER F 85 -37.07 -0.04 10.21
N LEU F 86 -36.28 -1.07 10.53
CA LEU F 86 -35.61 -1.86 9.51
C LEU F 86 -36.59 -2.47 8.52
N GLU F 87 -36.22 -2.43 7.24
CA GLU F 87 -37.01 -3.00 6.15
C GLU F 87 -36.21 -4.10 5.44
N ALA F 88 -36.94 -4.93 4.70
CA ALA F 88 -36.32 -6.02 3.97
C ALA F 88 -35.17 -5.53 3.07
N GLY F 89 -35.37 -4.39 2.41
CA GLY F 89 -34.34 -3.84 1.56
C GLY F 89 -33.11 -3.32 2.29
N ASP F 90 -33.14 -3.30 3.63
CA ASP F 90 -31.97 -2.92 4.40
C ASP F 90 -30.96 -4.05 4.54
N THR F 91 -31.32 -5.28 4.19
CA THR F 91 -30.38 -6.40 4.25
C THR F 91 -29.16 -6.08 3.41
N ALA F 92 -28.01 -5.90 4.04
CA ALA F 92 -26.82 -5.46 3.29
C ALA F 92 -25.59 -5.59 4.16
N VAL F 93 -24.43 -5.49 3.51
CA VAL F 93 -23.16 -5.30 4.20
C VAL F 93 -22.92 -3.80 4.34
N TYR F 94 -22.65 -3.35 5.57
CA TYR F 94 -22.37 -1.95 5.88
C TYR F 94 -20.89 -1.80 6.18
N TYR F 95 -20.27 -0.79 5.57
CA TYR F 95 -18.87 -0.45 5.78
C TYR F 95 -18.76 0.96 6.37
N CYS F 96 -17.88 1.10 7.36
CA CYS F 96 -17.28 2.40 7.66
C CYS F 96 -16.08 2.58 6.74
N ALA F 97 -15.85 3.82 6.30
CA ALA F 97 -14.72 4.12 5.43
C ALA F 97 -14.14 5.48 5.76
N ARG F 98 -12.85 5.53 6.05
CA ARG F 98 -12.21 6.77 6.44
C ARG F 98 -12.14 7.76 5.28
N GLY F 99 -12.34 9.04 5.60
CA GLY F 99 -12.12 10.10 4.64
C GLY F 99 -10.66 10.51 4.57
N GLN F 100 -10.00 10.14 3.47
CA GLN F 100 -8.60 10.51 3.28
C GLN F 100 -8.47 12.03 3.26
N PRO F 101 -7.40 12.60 3.81
CA PRO F 101 -7.18 14.06 3.72
C PRO F 101 -7.05 14.50 2.28
N PRO F 102 -7.27 15.79 1.98
CA PRO F 102 -7.56 16.92 2.87
C PRO F 102 -9.04 17.21 3.09
N VAL F 103 -9.92 16.61 2.27
CA VAL F 103 -11.34 16.92 2.33
C VAL F 103 -12.21 15.72 2.63
N GLY F 104 -11.75 14.49 2.42
CA GLY F 104 -12.46 13.31 2.88
C GLY F 104 -13.33 12.60 1.86
N TRP F 105 -13.26 12.95 0.58
CA TRP F 105 -14.08 12.33 -0.44
C TRP F 105 -13.38 11.17 -1.12
N THR F 106 -12.19 10.82 -0.65
CA THR F 106 -11.50 9.60 -1.01
C THR F 106 -11.50 8.69 0.21
N PHE F 107 -11.82 7.42 0.00
CA PHE F 107 -11.90 6.46 1.11
C PHE F 107 -10.67 5.56 1.04
N ASP F 108 -9.70 5.83 1.92
CA ASP F 108 -8.42 5.13 1.88
C ASP F 108 -8.40 3.86 2.71
N TYR F 109 -9.12 3.83 3.83
CA TYR F 109 -9.18 2.63 4.65
C TYR F 109 -10.62 2.26 4.94
N TRP F 110 -10.90 0.95 4.93
CA TRP F 110 -12.25 0.41 5.00
C TRP F 110 -12.36 -0.56 6.16
N GLY F 111 -13.51 -0.50 6.84
CA GLY F 111 -13.84 -1.56 7.77
C GLY F 111 -14.05 -2.87 7.04
N GLN F 112 -14.05 -3.97 7.79
CA GLN F 112 -14.20 -5.27 7.16
C GLN F 112 -15.64 -5.57 6.75
N GLY F 113 -16.59 -4.73 7.13
CA GLY F 113 -17.99 -4.91 6.76
C GLY F 113 -18.78 -5.69 7.80
N THR F 114 -20.05 -5.31 7.92
CA THR F 114 -20.98 -5.94 8.85
C THR F 114 -22.25 -6.27 8.09
N LEU F 115 -22.63 -7.55 8.06
CA LEU F 115 -23.82 -7.98 7.34
C LEU F 115 -25.03 -7.90 8.28
N VAL F 116 -25.96 -7.01 7.96
CA VAL F 116 -27.25 -6.94 8.65
C VAL F 116 -28.26 -7.67 7.78
N THR F 117 -28.89 -8.68 8.38
CA THR F 117 -29.95 -9.44 7.73
C THR F 117 -31.27 -9.11 8.41
N VAL F 118 -32.22 -8.60 7.63
CA VAL F 118 -33.55 -8.29 8.13
C VAL F 118 -34.44 -9.47 7.76
N SER F 119 -34.92 -10.19 8.77
CA SER F 119 -35.78 -11.34 8.56
C SER F 119 -36.53 -11.66 9.84
N SER F 120 -37.72 -12.25 9.67
CA SER F 120 -38.51 -12.71 10.81
C SER F 120 -37.95 -13.99 11.41
N ALA F 121 -37.11 -14.72 10.68
CA ALA F 121 -36.58 -15.99 11.12
C ALA F 121 -35.66 -15.79 12.32
N SER F 122 -35.63 -16.81 13.20
CA SER F 122 -34.74 -16.80 14.35
C SER F 122 -33.31 -17.11 13.92
N THR F 123 -32.35 -16.53 14.64
CA THR F 123 -30.95 -16.98 14.51
C THR F 123 -30.81 -18.42 14.94
N LYS F 124 -29.87 -19.12 14.33
CA LYS F 124 -29.53 -20.49 14.70
C LYS F 124 -28.05 -20.71 14.47
N GLY F 125 -27.31 -21.00 15.53
CA GLY F 125 -25.92 -21.34 15.42
C GLY F 125 -25.71 -22.70 14.76
N PRO F 126 -24.57 -22.88 14.12
CA PRO F 126 -24.30 -24.13 13.42
C PRO F 126 -23.93 -25.27 14.36
N SER F 127 -24.13 -26.49 13.86
CA SER F 127 -23.52 -27.66 14.45
C SER F 127 -22.26 -27.96 13.66
N VAL F 128 -21.14 -28.12 14.35
CA VAL F 128 -19.85 -28.27 13.69
C VAL F 128 -19.38 -29.70 13.89
N PHE F 129 -19.24 -30.42 12.79
CA PHE F 129 -18.81 -31.81 12.79
C PHE F 129 -17.45 -31.95 12.11
N PRO F 130 -16.48 -32.59 12.77
CA PRO F 130 -15.20 -32.85 12.10
C PRO F 130 -15.36 -33.93 11.03
N LEU F 131 -14.71 -33.68 9.92
CA LEU F 131 -14.62 -34.54 8.76
C LEU F 131 -13.20 -35.13 8.69
N ALA F 132 -13.09 -36.33 9.17
CA ALA F 132 -11.83 -37.01 9.26
C ALA F 132 -11.44 -37.57 7.95
N PRO F 133 -10.20 -37.41 7.63
CA PRO F 133 -9.61 -37.89 6.41
C PRO F 133 -9.47 -39.35 6.64
N SER F 134 -10.39 -40.13 6.15
CA SER F 134 -10.33 -41.55 6.31
C SER F 134 -10.39 -42.23 4.98
N GLY F 140 -1.75 -42.47 -0.45
CA GLY F 140 -2.00 -41.10 -0.79
C GLY F 140 -1.04 -40.29 0.05
N GLY F 141 -0.41 -39.30 -0.53
CA GLY F 141 0.54 -38.53 0.24
C GLY F 141 -0.04 -37.34 0.97
N THR F 142 -1.29 -37.09 0.70
CA THR F 142 -2.00 -36.01 1.31
C THR F 142 -3.26 -36.51 1.84
N ALA F 143 -3.79 -35.69 2.70
CA ALA F 143 -5.04 -35.97 3.30
C ALA F 143 -5.75 -34.66 3.38
N ALA F 144 -7.00 -34.70 3.08
CA ALA F 144 -7.79 -33.53 3.22
C ALA F 144 -8.72 -33.83 4.33
N LEU F 145 -8.72 -32.98 5.31
CA LEU F 145 -9.61 -33.13 6.39
C LEU F 145 -10.47 -31.88 6.48
N GLY F 146 -11.61 -31.95 7.17
CA GLY F 146 -12.41 -30.75 7.08
C GLY F 146 -13.39 -30.60 8.23
N CYS F 147 -14.24 -29.59 8.09
CA CYS F 147 -15.27 -29.29 9.06
C CYS F 147 -16.56 -28.96 8.36
N LEU F 148 -17.63 -29.67 8.73
CA LEU F 148 -18.98 -29.38 8.30
C LEU F 148 -19.63 -28.41 9.28
N VAL F 149 -20.15 -27.31 8.75
CA VAL F 149 -20.81 -26.26 9.49
C VAL F 149 -22.28 -26.31 9.07
N LYS F 150 -23.11 -26.97 9.87
CA LYS F 150 -24.44 -27.44 9.45
C LYS F 150 -25.56 -26.63 10.10
N ASP F 151 -26.56 -26.26 9.30
CA ASP F 151 -27.85 -25.75 9.77
C ASP F 151 -27.68 -24.49 10.62
N TYR F 152 -27.27 -23.41 9.96
CA TYR F 152 -27.18 -22.13 10.64
C TYR F 152 -28.00 -21.09 9.89
N PHE F 153 -28.20 -19.96 10.55
CA PHE F 153 -28.90 -18.81 9.99
C PHE F 153 -28.71 -17.61 10.89
N PRO F 154 -28.41 -16.42 10.34
CA PRO F 154 -28.19 -16.18 8.92
C PRO F 154 -26.72 -16.29 8.55
N GLU F 155 -26.37 -15.83 7.35
CA GLU F 155 -24.99 -15.61 7.03
C GLU F 155 -24.46 -14.44 7.85
N PRO F 156 -23.14 -14.35 8.06
CA PRO F 156 -22.10 -15.26 7.58
C PRO F 156 -21.43 -16.10 8.67
N VAL F 157 -20.66 -17.09 8.21
CA VAL F 157 -19.78 -17.91 9.03
C VAL F 157 -18.37 -17.68 8.52
N THR F 158 -17.40 -17.61 9.43
CA THR F 158 -16.00 -17.65 9.06
C THR F 158 -15.35 -18.91 9.61
N VAL F 159 -14.40 -19.45 8.84
CA VAL F 159 -13.65 -20.62 9.24
C VAL F 159 -12.17 -20.31 9.13
N SER F 160 -11.42 -20.62 10.19
CA SER F 160 -9.97 -20.62 10.13
C SER F 160 -9.49 -21.99 10.61
N TRP F 161 -8.20 -22.27 10.42
CA TRP F 161 -7.61 -23.53 10.87
C TRP F 161 -6.41 -23.27 11.75
N ASN F 162 -6.28 -24.10 12.79
CA ASN F 162 -5.27 -23.93 13.83
C ASN F 162 -5.10 -22.46 14.19
N SER F 163 -6.20 -21.89 14.67
CA SER F 163 -6.29 -20.50 15.09
C SER F 163 -5.60 -19.55 14.11
N GLY F 164 -5.72 -19.84 12.82
CA GLY F 164 -5.20 -18.96 11.77
C GLY F 164 -3.79 -19.24 11.30
N ALA F 165 -3.06 -20.15 11.96
CA ALA F 165 -1.69 -20.47 11.54
C ALA F 165 -1.65 -21.37 10.31
N LEU F 166 -2.70 -22.14 10.06
CA LEU F 166 -2.74 -23.11 8.98
C LEU F 166 -3.60 -22.54 7.86
N THR F 167 -2.95 -22.01 6.80
CA THR F 167 -3.66 -21.39 5.69
C THR F 167 -3.46 -22.04 4.33
N SER F 168 -2.39 -22.79 4.10
CA SER F 168 -2.16 -23.36 2.77
C SER F 168 -2.89 -24.68 2.65
N GLY F 169 -3.50 -24.91 1.49
CA GLY F 169 -4.43 -26.01 1.32
C GLY F 169 -5.79 -25.79 1.95
N VAL F 170 -6.11 -24.58 2.40
CA VAL F 170 -7.40 -24.27 3.00
C VAL F 170 -8.36 -23.82 1.91
N HIS F 171 -9.52 -24.47 1.86
CA HIS F 171 -10.60 -24.12 0.93
C HIS F 171 -11.91 -24.13 1.70
N THR F 172 -12.44 -22.96 2.00
CA THR F 172 -13.75 -22.83 2.63
C THR F 172 -14.77 -22.54 1.53
N PHE F 173 -15.82 -23.42 1.42
CA PHE F 173 -16.73 -23.36 0.29
C PHE F 173 -17.94 -22.49 0.60
N PRO F 174 -18.50 -21.81 -0.41
CA PRO F 174 -19.73 -21.05 -0.18
C PRO F 174 -20.86 -21.95 0.31
N ALA F 175 -21.71 -21.39 1.16
CA ALA F 175 -22.79 -22.14 1.78
C ALA F 175 -23.87 -22.52 0.78
N VAL F 176 -24.60 -23.59 1.11
CA VAL F 176 -25.82 -23.96 0.41
C VAL F 176 -26.98 -23.45 1.22
N LEU F 177 -28.01 -22.93 0.54
CA LEU F 177 -29.25 -22.51 1.19
C LEU F 177 -30.27 -23.62 0.94
N GLN F 178 -30.63 -24.32 2.01
CA GLN F 178 -31.41 -25.54 1.95
C GLN F 178 -32.91 -25.26 1.90
N SER F 179 -33.66 -26.27 1.43
CA SER F 179 -35.13 -26.23 1.47
C SER F 179 -35.65 -25.84 2.84
N SER F 180 -34.98 -26.29 3.91
CA SER F 180 -35.38 -25.96 5.27
C SER F 180 -35.32 -24.45 5.58
N GLY F 181 -34.56 -23.67 4.82
CA GLY F 181 -34.36 -22.28 5.15
C GLY F 181 -33.05 -22.00 5.84
N LEU F 182 -32.28 -23.03 6.16
CA LEU F 182 -31.02 -22.91 6.88
C LEU F 182 -29.83 -23.14 5.95
N TYR F 183 -28.68 -22.62 6.34
CA TYR F 183 -27.45 -22.72 5.57
C TYR F 183 -26.56 -23.83 6.11
N SER F 184 -25.70 -24.36 5.22
CA SER F 184 -24.59 -25.21 5.61
C SER F 184 -23.41 -24.96 4.68
N LEU F 185 -22.21 -25.07 5.23
CA LEU F 185 -20.99 -24.94 4.43
C LEU F 185 -19.94 -25.91 4.97
N SER F 186 -18.87 -26.08 4.22
CA SER F 186 -17.78 -26.94 4.63
C SER F 186 -16.47 -26.21 4.36
N SER F 187 -15.45 -26.52 5.16
CA SER F 187 -14.11 -26.02 4.89
C SER F 187 -13.16 -27.21 4.97
N VAL F 188 -12.16 -27.28 4.07
CA VAL F 188 -11.33 -28.46 4.03
C VAL F 188 -9.89 -27.95 4.01
N VAL F 189 -9.00 -28.66 4.68
CA VAL F 189 -7.57 -28.36 4.62
C VAL F 189 -6.86 -29.65 4.20
N THR F 190 -6.01 -29.54 3.17
CA THR F 190 -5.21 -30.67 2.68
C THR F 190 -3.83 -30.63 3.33
N VAL F 191 -3.45 -31.65 4.01
CA VAL F 191 -2.16 -31.62 4.64
C VAL F 191 -1.34 -32.80 4.25
N PRO F 192 -0.08 -32.82 4.64
CA PRO F 192 0.70 -33.97 4.30
C PRO F 192 0.19 -35.09 5.11
N SER F 193 0.04 -36.25 4.50
CA SER F 193 -0.42 -37.44 5.19
C SER F 193 0.59 -37.96 6.23
N SER F 194 1.87 -37.63 6.12
CA SER F 194 2.88 -37.96 7.09
C SER F 194 2.54 -37.26 8.40
N SER F 195 2.12 -36.00 8.31
CA SER F 195 1.72 -35.20 9.46
C SER F 195 0.60 -35.67 10.31
N LEU F 196 -0.26 -36.54 9.86
CA LEU F 196 -1.35 -36.98 10.72
C LEU F 196 -0.81 -37.71 11.93
N GLY F 197 -1.38 -37.51 13.10
CA GLY F 197 -0.82 -38.19 14.27
C GLY F 197 0.36 -37.52 14.97
N THR F 198 0.85 -36.45 14.41
CA THR F 198 1.92 -35.68 14.97
C THR F 198 1.51 -34.23 15.11
N GLN F 199 0.51 -33.84 14.33
CA GLN F 199 0.01 -32.51 14.32
C GLN F 199 -1.48 -32.49 14.62
N THR F 200 -1.90 -31.50 15.35
CA THR F 200 -3.27 -31.36 15.71
C THR F 200 -3.89 -30.36 14.79
N TYR F 201 -5.06 -30.73 14.31
CA TYR F 201 -5.82 -29.94 13.40
C TYR F 201 -7.17 -29.56 13.96
N ILE F 202 -7.32 -28.30 14.12
CA ILE F 202 -8.50 -27.71 14.75
C ILE F 202 -9.08 -26.64 13.82
N CYS F 203 -10.36 -26.77 13.48
CA CYS F 203 -11.09 -25.73 12.77
C CYS F 203 -11.79 -24.78 13.74
N ASN F 204 -11.61 -23.48 13.54
CA ASN F 204 -12.29 -22.45 14.30
C ASN F 204 -13.44 -21.89 13.45
N VAL F 205 -14.66 -22.12 13.91
CA VAL F 205 -15.88 -21.73 13.22
C VAL F 205 -16.51 -20.61 14.03
N ASN F 206 -16.68 -19.45 13.40
CA ASN F 206 -17.32 -18.31 14.05
C ASN F 206 -18.61 -17.96 13.32
N HIS F 207 -19.66 -17.82 14.10
CA HIS F 207 -20.96 -17.40 13.66
C HIS F 207 -21.45 -16.26 14.56
N LYS F 208 -21.05 -15.05 14.25
CA LYS F 208 -21.34 -13.86 15.01
C LYS F 208 -22.78 -13.51 15.28
N PRO F 209 -23.70 -13.66 14.32
CA PRO F 209 -25.10 -13.38 14.60
C PRO F 209 -25.67 -14.21 15.77
N SER F 210 -25.27 -15.44 15.95
CA SER F 210 -25.66 -16.20 17.09
C SER F 210 -24.65 -16.23 18.23
N ASN F 211 -23.55 -15.54 18.13
CA ASN F 211 -22.51 -15.58 19.17
C ASN F 211 -22.02 -17.01 19.42
N THR F 212 -21.77 -17.70 18.34
CA THR F 212 -21.27 -19.02 18.38
C THR F 212 -19.84 -19.09 17.85
N LYS F 213 -18.91 -19.49 18.67
CA LYS F 213 -17.54 -19.75 18.28
C LYS F 213 -17.10 -21.10 18.75
N VAL F 214 -16.81 -22.03 17.87
CA VAL F 214 -16.38 -23.36 18.23
C VAL F 214 -15.03 -23.73 17.66
N ASP F 215 -14.22 -24.42 18.40
CA ASP F 215 -12.97 -24.89 17.90
C ASP F 215 -13.06 -26.41 18.00
N LYS F 216 -13.09 -27.05 16.85
CA LYS F 216 -13.27 -28.46 16.77
C LYS F 216 -12.05 -29.19 16.29
N LYS F 217 -11.66 -30.16 17.06
CA LYS F 217 -10.49 -30.91 16.79
C LYS F 217 -10.78 -32.00 15.86
N VAL F 218 -9.99 -32.11 14.81
CA VAL F 218 -10.15 -33.14 13.82
C VAL F 218 -9.23 -34.33 14.00
N GLU F 219 -9.83 -35.47 14.34
CA GLU F 219 -9.11 -36.69 14.53
C GLU F 219 -9.79 -37.85 13.89
N PRO F 220 -8.99 -38.79 13.40
CA PRO F 220 -9.52 -40.06 12.86
C PRO F 220 -10.36 -40.76 13.91
C1 EDO G . 23.09 7.56 -16.74
O1 EDO G . 24.13 7.39 -15.81
C2 EDO G . 21.73 7.49 -16.09
O2 EDO G . 21.77 7.16 -14.73
C1 EDO H . 35.61 21.69 -19.86
O1 EDO H . 34.71 22.28 -20.73
C2 EDO H . 36.03 20.29 -20.18
O2 EDO H . 36.57 19.88 -18.97
CL CL I . 34.60 19.57 -11.67
C1 EDO J . 5.96 22.44 18.06
O1 EDO J . 5.60 23.79 17.82
C2 EDO J . 7.45 22.24 17.87
O2 EDO J . 7.79 21.42 16.77
C1 EDO K . -3.12 10.97 6.21
O1 EDO K . -2.24 9.96 5.87
C2 EDO K . -3.43 11.03 7.66
O2 EDO K . -3.97 12.28 7.89
C1 PEG L . -33.09 -31.51 2.28
O1 PEG L . -31.92 -31.71 3.00
C2 PEG L . -34.20 -32.43 2.78
O2 PEG L . -35.19 -32.55 1.85
C3 PEG L . -35.42 -33.86 1.44
C4 PEG L . -36.52 -33.94 0.40
O4 PEG L . -35.95 -33.77 -0.81
C1 EDO M . -11.46 -19.65 -3.07
O1 EDO M . -11.90 -18.61 -2.27
C2 EDO M . -10.69 -20.56 -2.18
O2 EDO M . -9.37 -20.16 -2.01
#